data_3DCI
#
_entry.id   3DCI
#
_cell.length_a   72.204
_cell.length_b   131.397
_cell.length_c   122.332
_cell.angle_alpha   90.00
_cell.angle_beta   90.00
_cell.angle_gamma   90.00
#
_symmetry.space_group_name_H-M   'C 2 2 21'
#
loop_
_entity.id
_entity.type
_entity.pdbx_description
1 polymer Arylesterase
2 non-polymer 'ZINC ION'
3 non-polymer 'CHLORIDE ION'
4 non-polymer 'ACETIC ACID'
5 water water
#
_entity_poly.entity_id   1
_entity_poly.type   'polypeptide(L)'
_entity_poly.pdbx_seq_one_letter_code
;(MSE)GSSHHHHHHSSGRENLYFQGH(MSE)KTVLAFGDSLTWGADPATGLRHPVEHRWPDVLEAELAGKAKVHPEGLGG
RTTCYDDHAGPACRNGARALEVALSCH(MSE)PLDLVII(MSE)LGTNDIKPVHGGRAEAAVSG(MSE)RRLAQIVETFI
YKPREAVPKLLIVAPPPCVAGPGGEPAGGRDIEQS(MSE)RLAPLYRKLAAELGHHFFDAGSVASASPVDGVHLDASATA
AIGRALAAPVRDILGS
;
_entity_poly.pdbx_strand_id   A,B,C
#
loop_
_chem_comp.id
_chem_comp.type
_chem_comp.name
_chem_comp.formula
ACY non-polymer 'ACETIC ACID' 'C2 H4 O2'
CL non-polymer 'CHLORIDE ION' 'Cl -1'
ZN non-polymer 'ZINC ION' 'Zn 2'
#
# COMPACT_ATOMS: atom_id res chain seq x y z
N MSE A 23 11.37 29.26 27.30
CA MSE A 23 10.34 29.05 26.26
C MSE A 23 10.04 27.57 26.08
O MSE A 23 10.96 26.75 25.96
CB MSE A 23 10.81 29.58 24.93
CG MSE A 23 10.68 31.05 24.76
SE MSE A 23 10.45 31.36 22.85
CE MSE A 23 12.01 30.28 22.23
N LYS A 24 8.76 27.24 25.97
CA LYS A 24 8.35 25.89 25.65
C LYS A 24 8.64 25.63 24.16
N THR A 25 8.77 24.37 23.77
CA THR A 25 8.99 24.04 22.38
C THR A 25 7.93 23.05 21.89
N VAL A 26 7.48 23.28 20.67
CA VAL A 26 6.35 22.62 20.09
C VAL A 26 6.71 22.16 18.70
N LEU A 27 6.43 20.89 18.42
CA LEU A 27 6.56 20.37 17.06
C LEU A 27 5.20 20.37 16.38
N ALA A 28 5.12 21.02 15.23
CA ALA A 28 3.90 21.10 14.42
C ALA A 28 4.06 20.19 13.22
N PHE A 29 3.50 18.99 13.33
CA PHE A 29 3.76 17.91 12.39
C PHE A 29 2.53 17.63 11.53
N GLY A 30 2.66 17.74 10.21
CA GLY A 30 1.51 17.57 9.35
C GLY A 30 1.83 17.38 7.89
N ASP A 31 0.84 17.63 7.06
CA ASP A 31 0.95 17.44 5.63
C ASP A 31 0.89 18.78 4.89
N SER A 32 0.41 18.83 3.66
CA SER A 32 0.35 20.11 2.94
C SER A 32 -0.58 21.16 3.61
N LEU A 33 -1.53 20.73 4.44
CA LEU A 33 -2.36 21.72 5.16
C LEU A 33 -1.51 22.49 6.20
N THR A 34 -0.46 21.84 6.68
CA THR A 34 0.47 22.38 7.66
C THR A 34 1.62 23.13 6.94
N TRP A 35 2.13 22.57 5.85
CA TRP A 35 2.99 23.30 4.93
C TRP A 35 2.34 24.62 4.47
N GLY A 36 1.04 24.56 4.14
CA GLY A 36 0.25 25.73 3.71
C GLY A 36 0.10 25.77 2.20
N ALA A 37 -0.48 24.74 1.59
CA ALA A 37 -0.63 24.75 0.13
C ALA A 37 -1.89 25.54 -0.27
N ASP A 38 -1.72 26.45 -1.21
CA ASP A 38 -2.85 27.13 -1.82
C ASP A 38 -3.71 26.16 -2.64
N PRO A 39 -5.04 26.18 -2.43
CA PRO A 39 -5.93 25.25 -3.16
C PRO A 39 -5.83 25.37 -4.69
N ALA A 40 -5.69 26.60 -5.19
CA ALA A 40 -5.63 26.87 -6.63
C ALA A 40 -4.27 26.55 -7.25
N THR A 41 -3.24 27.23 -6.74
CA THR A 41 -1.90 27.19 -7.33
C THR A 41 -1.02 26.06 -6.81
N GLY A 42 -1.28 25.59 -5.59
CA GLY A 42 -0.40 24.61 -4.97
C GLY A 42 0.86 25.21 -4.37
N LEU A 43 1.04 26.52 -4.53
CA LEU A 43 2.16 27.24 -3.95
C LEU A 43 1.92 27.57 -2.49
N ARG A 44 2.99 27.86 -1.75
CA ARG A 44 2.87 28.05 -0.30
C ARG A 44 2.18 29.36 0.11
N HIS A 45 1.30 29.29 1.11
CA HIS A 45 0.72 30.51 1.69
C HIS A 45 1.83 31.34 2.30
N PRO A 46 1.65 32.67 2.32
CA PRO A 46 2.56 33.57 3.05
C PRO A 46 2.75 33.09 4.51
N VAL A 47 3.95 33.27 5.05
CA VAL A 47 4.26 32.72 6.38
C VAL A 47 3.27 33.20 7.45
N GLU A 48 2.86 34.47 7.31
CA GLU A 48 1.88 35.13 8.20
CA GLU A 48 1.90 35.10 8.24
C GLU A 48 0.55 34.38 8.33
N HIS A 49 0.24 33.53 7.34
CA HIS A 49 -1.01 32.79 7.33
C HIS A 49 -0.87 31.29 7.62
N ARG A 50 0.35 30.78 7.77
CA ARG A 50 0.55 29.34 8.01
C ARG A 50 0.25 29.01 9.47
N TRP A 51 -0.41 27.89 9.73
CA TRP A 51 -0.94 27.70 11.07
C TRP A 51 0.17 27.60 12.14
N PRO A 52 1.29 26.88 11.85
CA PRO A 52 2.36 26.87 12.87
C PRO A 52 2.95 28.24 13.22
N ASP A 53 3.22 29.10 12.22
CA ASP A 53 3.69 30.47 12.46
C ASP A 53 2.66 31.34 13.18
N VAL A 54 1.39 31.21 12.79
CA VAL A 54 0.29 31.91 13.46
C VAL A 54 0.21 31.47 14.92
N LEU A 55 0.19 30.16 15.18
CA LEU A 55 0.15 29.65 16.54
C LEU A 55 1.30 30.23 17.38
N GLU A 56 2.51 30.23 16.84
CA GLU A 56 3.66 30.80 17.55
C GLU A 56 3.49 32.28 17.87
N ALA A 57 3.07 33.05 16.88
CA ALA A 57 2.79 34.48 17.09
C ALA A 57 1.71 34.70 18.16
N GLU A 58 0.68 33.86 18.16
CA GLU A 58 -0.38 33.94 19.15
C GLU A 58 0.11 33.66 20.55
N LEU A 59 1.03 32.71 20.70
CA LEU A 59 1.56 32.35 22.00
C LEU A 59 2.55 33.41 22.52
N ALA A 60 2.93 34.33 21.65
CA ALA A 60 3.53 35.59 22.06
C ALA A 60 4.78 35.42 22.95
N GLY A 61 5.70 34.56 22.52
CA GLY A 61 6.98 34.40 23.22
C GLY A 61 7.02 33.26 24.24
N LYS A 62 5.85 32.70 24.54
CA LYS A 62 5.75 31.54 25.41
C LYS A 62 6.40 30.29 24.79
N ALA A 63 6.13 30.07 23.50
CA ALA A 63 6.58 28.86 22.83
C ALA A 63 7.24 29.14 21.50
N LYS A 64 8.16 28.26 21.13
CA LYS A 64 8.75 28.19 19.80
C LYS A 64 8.08 27.01 19.10
N VAL A 65 7.55 27.25 17.90
CA VAL A 65 6.88 26.18 17.10
C VAL A 65 7.76 25.81 15.89
N HIS A 66 8.09 24.53 15.78
CA HIS A 66 8.88 24.01 14.67
C HIS A 66 7.93 23.42 13.62
N PRO A 67 7.82 24.09 12.47
CA PRO A 67 6.93 23.60 11.41
C PRO A 67 7.53 22.41 10.64
N GLU A 68 6.77 21.34 10.52
CA GLU A 68 7.20 20.15 9.77
C GLU A 68 5.98 19.64 9.00
N GLY A 69 5.59 20.42 7.99
CA GLY A 69 4.48 20.11 7.12
C GLY A 69 4.97 19.67 5.75
N LEU A 70 4.68 18.41 5.40
CA LEU A 70 5.15 17.83 4.14
C LEU A 70 3.97 17.41 3.25
N GLY A 71 3.91 17.98 2.05
CA GLY A 71 2.87 17.63 1.07
C GLY A 71 2.82 16.14 0.76
N GLY A 72 1.66 15.54 0.97
CA GLY A 72 1.43 14.11 0.69
C GLY A 72 1.65 13.19 1.89
N ARG A 73 2.06 13.76 3.02
CA ARG A 73 2.38 12.93 4.20
C ARG A 73 1.16 12.18 4.74
N THR A 74 1.38 10.90 5.10
CA THR A 74 0.39 10.00 5.69
C THR A 74 0.80 9.77 7.14
N THR A 75 -0.06 9.16 7.93
CA THR A 75 0.30 8.81 9.29
C THR A 75 1.46 7.82 9.30
N CYS A 76 1.32 6.69 8.59
CA CYS A 76 2.34 5.62 8.68
C CYS A 76 2.39 4.75 7.44
N TYR A 77 2.06 5.32 6.29
CA TYR A 77 1.95 4.57 5.06
C TYR A 77 2.97 5.10 4.05
N ASP A 78 3.72 4.20 3.45
CA ASP A 78 4.66 4.61 2.41
C ASP A 78 3.86 5.15 1.24
N ASP A 79 4.40 6.17 0.58
CA ASP A 79 3.82 6.69 -0.66
C ASP A 79 4.98 7.31 -1.45
N HIS A 80 5.38 6.67 -2.55
CA HIS A 80 6.56 7.13 -3.32
C HIS A 80 6.20 8.05 -4.48
N ALA A 81 5.00 8.66 -4.46
CA ALA A 81 4.55 9.49 -5.60
C ALA A 81 5.06 10.93 -5.56
N GLY A 82 5.80 11.28 -4.50
CA GLY A 82 6.29 12.65 -4.32
C GLY A 82 7.81 12.68 -4.39
N PRO A 83 8.41 13.88 -4.31
CA PRO A 83 9.85 13.98 -4.33
C PRO A 83 10.54 13.63 -3.00
N ALA A 84 9.78 13.46 -1.91
CA ALA A 84 10.33 13.10 -0.61
C ALA A 84 9.44 12.06 0.07
N CYS A 85 10.05 11.29 0.97
CA CYS A 85 9.38 10.27 1.77
C CYS A 85 8.08 10.79 2.45
N ARG A 86 6.98 10.06 2.31
CA ARG A 86 5.68 10.51 2.85
C ARG A 86 5.22 9.74 4.09
N ASN A 87 6.04 8.78 4.56
CA ASN A 87 5.65 7.97 5.69
C ASN A 87 5.82 8.84 6.93
N GLY A 88 4.71 9.18 7.56
CA GLY A 88 4.75 10.05 8.72
C GLY A 88 5.51 9.49 9.91
N ALA A 89 5.47 8.19 10.12
CA ALA A 89 6.11 7.61 11.29
C ALA A 89 7.66 7.72 11.22
N ARG A 90 8.22 7.47 10.03
CA ARG A 90 9.68 7.55 9.85
C ARG A 90 10.15 8.99 10.02
N ALA A 91 9.41 9.91 9.42
CA ALA A 91 9.73 11.33 9.51
C ALA A 91 9.49 11.88 10.91
N LEU A 92 8.49 11.33 11.63
CA LEU A 92 8.22 11.78 12.98
C LEU A 92 9.39 11.44 13.88
N GLU A 93 9.95 10.24 13.72
CA GLU A 93 11.14 9.86 14.47
C GLU A 93 12.30 10.83 14.23
N VAL A 94 12.52 11.23 12.99
CA VAL A 94 13.58 12.19 12.67
C VAL A 94 13.30 13.57 13.28
N ALA A 95 12.05 14.00 13.17
CA ALA A 95 11.61 15.25 13.77
C ALA A 95 11.81 15.28 15.27
N LEU A 96 11.46 14.19 15.94
CA LEU A 96 11.64 14.09 17.39
C LEU A 96 13.13 14.18 17.74
N SER A 97 13.98 13.51 16.99
CA SER A 97 15.41 13.60 17.29
C SER A 97 15.99 14.99 17.00
N CYS A 98 15.55 15.61 15.92
CA CYS A 98 16.09 16.91 15.54
C CYS A 98 15.71 18.00 16.53
N HIS A 99 14.54 17.85 17.14
CA HIS A 99 13.97 18.97 17.90
C HIS A 99 13.81 18.70 19.38
N MSE A 100 14.00 17.46 19.81
CA MSE A 100 14.04 17.19 21.24
C MSE A 100 15.10 18.03 21.97
O MSE A 100 16.12 18.36 21.39
CB MSE A 100 14.34 15.72 21.51
CG MSE A 100 15.72 15.26 21.09
SE MSE A 100 15.86 13.33 21.27
CE MSE A 100 17.67 13.05 20.66
N PRO A 101 14.86 18.36 23.23
CA PRO A 101 13.65 18.09 24.00
C PRO A 101 12.45 18.97 23.61
N LEU A 102 11.29 18.33 23.54
CA LEU A 102 10.06 18.97 23.10
C LEU A 102 9.04 18.92 24.25
N ASP A 103 8.26 19.99 24.40
CA ASP A 103 7.23 19.97 25.43
C ASP A 103 5.91 19.43 24.90
N LEU A 104 5.66 19.63 23.60
CA LEU A 104 4.42 19.26 22.95
C LEU A 104 4.64 18.89 21.49
N VAL A 105 3.99 17.83 21.05
CA VAL A 105 3.89 17.50 19.67
C VAL A 105 2.43 17.68 19.26
N ILE A 106 2.22 18.36 18.16
CA ILE A 106 0.89 18.51 17.56
C ILE A 106 0.91 17.80 16.22
N ILE A 107 -0.04 16.91 15.98
CA ILE A 107 -0.07 16.18 14.72
C ILE A 107 -1.42 16.39 14.04
N MSE A 108 -1.40 16.98 12.84
CA MSE A 108 -2.56 17.06 11.98
C MSE A 108 -2.33 16.26 10.70
O MSE A 108 -1.66 16.71 9.78
CB MSE A 108 -2.93 18.50 11.65
CG MSE A 108 -4.32 18.60 10.96
SE MSE A 108 -4.99 20.45 10.85
CE MSE A 108 -3.95 21.08 9.37
N LEU A 109 -2.93 15.06 10.65
CA LEU A 109 -2.77 14.13 9.53
C LEU A 109 -4.04 13.31 9.39
N GLY A 110 -4.18 12.71 8.22
CA GLY A 110 -5.34 11.83 7.92
C GLY A 110 -5.92 12.05 6.53
N THR A 111 -5.80 13.28 6.05
CA THR A 111 -6.30 13.66 4.71
C THR A 111 -5.73 12.79 3.58
N ASN A 112 -4.46 12.41 3.68
CA ASN A 112 -3.84 11.53 2.69
C ASN A 112 -4.06 10.05 2.96
N ASP A 113 -4.32 9.70 4.21
CA ASP A 113 -4.60 8.31 4.59
C ASP A 113 -5.92 7.83 4.06
N ILE A 114 -6.80 8.77 3.73
CA ILE A 114 -8.10 8.43 3.14
C ILE A 114 -8.07 8.47 1.60
N LYS A 115 -6.92 8.71 1.00
CA LYS A 115 -6.76 8.50 -0.44
C LYS A 115 -7.05 7.03 -0.74
N PRO A 116 -7.58 6.73 -1.95
CA PRO A 116 -7.81 5.33 -2.32
C PRO A 116 -6.60 4.42 -2.15
N VAL A 117 -5.40 4.89 -2.48
CA VAL A 117 -4.21 4.03 -2.46
C VAL A 117 -3.96 3.46 -1.06
N HIS A 118 -4.36 4.23 -0.04
CA HIS A 118 -4.19 3.84 1.36
C HIS A 118 -5.43 3.26 1.98
N GLY A 119 -6.43 2.99 1.17
CA GLY A 119 -7.58 2.19 1.57
C GLY A 119 -8.93 2.90 1.45
N GLY A 120 -8.88 4.23 1.38
CA GLY A 120 -10.06 5.03 1.11
C GLY A 120 -10.93 5.29 2.32
N ARG A 121 -10.47 4.91 3.52
CA ARG A 121 -11.31 4.90 4.73
C ARG A 121 -10.60 5.46 5.97
N ALA A 122 -11.38 5.83 6.97
CA ALA A 122 -10.88 6.44 8.18
C ALA A 122 -10.08 5.49 9.08
N GLU A 123 -10.35 4.18 8.97
CA GLU A 123 -9.71 3.14 9.81
C GLU A 123 -8.21 3.25 9.75
N ALA A 124 -7.68 3.38 8.53
CA ALA A 124 -6.24 3.47 8.34
C ALA A 124 -5.66 4.74 9.00
N ALA A 125 -6.41 5.83 8.99
CA ALA A 125 -5.95 7.06 9.62
C ALA A 125 -5.90 6.93 11.14
N VAL A 126 -6.95 6.39 11.76
CA VAL A 126 -6.92 6.21 13.22
C VAL A 126 -5.81 5.21 13.68
N SER A 127 -5.66 4.09 12.97
CA SER A 127 -4.59 3.12 13.24
C SER A 127 -3.22 3.77 13.17
N GLY A 128 -3.02 4.60 12.15
CA GLY A 128 -1.76 5.28 11.95
C GLY A 128 -1.52 6.30 13.04
N MSE A 129 -2.56 7.05 13.39
CA MSE A 129 -2.45 8.02 14.48
C MSE A 129 -2.11 7.35 15.81
O MSE A 129 -1.37 7.94 16.61
CB MSE A 129 -3.73 8.83 14.61
CG MSE A 129 -3.60 10.01 15.55
SE MSE A 129 -2.28 11.38 14.99
CE MSE A 129 -3.27 12.26 13.58
N ARG A 130 -2.68 6.18 16.07
CA ARG A 130 -2.33 5.42 17.26
C ARG A 130 -0.84 5.07 17.21
N ARG A 131 -0.35 4.64 16.04
CA ARG A 131 1.09 4.33 15.93
C ARG A 131 1.96 5.58 16.20
N LEU A 132 1.58 6.73 15.67
CA LEU A 132 2.36 7.95 15.94
C LEU A 132 2.36 8.36 17.43
N ALA A 133 1.20 8.22 18.07
CA ALA A 133 1.10 8.44 19.50
C ALA A 133 2.08 7.54 20.27
N GLN A 134 2.12 6.26 19.93
CA GLN A 134 3.04 5.31 20.60
C GLN A 134 4.50 5.70 20.38
N ILE A 135 4.80 6.14 19.17
CA ILE A 135 6.15 6.63 18.88
C ILE A 135 6.54 7.81 19.76
N VAL A 136 5.65 8.80 19.87
CA VAL A 136 5.91 9.98 20.69
C VAL A 136 6.13 9.54 22.16
N GLU A 137 5.25 8.66 22.66
CA GLU A 137 5.29 8.17 24.04
C GLU A 137 6.58 7.45 24.38
N THR A 138 7.06 6.62 23.47
CA THR A 138 8.10 5.66 23.80
C THR A 138 9.47 5.98 23.18
N PHE A 139 9.60 7.08 22.44
CA PHE A 139 10.88 7.46 21.81
C PHE A 139 12.04 7.56 22.80
N ILE A 140 13.26 7.29 22.38
CA ILE A 140 14.45 7.44 23.28
C ILE A 140 14.88 8.89 23.20
N TYR A 141 14.38 9.69 24.14
CA TYR A 141 14.68 11.11 24.21
C TYR A 141 15.98 11.36 24.99
N LYS A 142 16.62 12.49 24.68
CA LYS A 142 17.76 13.01 25.46
C LYS A 142 17.30 14.32 26.09
N PRO A 143 17.06 14.32 27.42
CA PRO A 143 17.12 13.20 28.36
C PRO A 143 15.87 12.34 28.27
N ARG A 144 15.94 11.14 28.85
CA ARG A 144 14.85 10.19 28.76
C ARG A 144 13.54 10.70 29.35
N GLU A 145 13.65 11.60 30.31
CA GLU A 145 12.52 12.16 31.02
C GLU A 145 11.73 13.18 30.17
N ALA A 146 12.32 13.66 29.09
CA ALA A 146 11.68 14.70 28.25
C ALA A 146 10.59 14.17 27.30
N VAL A 147 9.56 13.52 27.84
CA VAL A 147 8.51 12.96 27.02
C VAL A 147 7.50 14.08 26.74
N PRO A 148 7.26 14.42 25.47
CA PRO A 148 6.32 15.50 25.20
C PRO A 148 4.86 15.10 25.41
N LYS A 149 4.00 16.10 25.62
CA LYS A 149 2.57 15.94 25.52
C LYS A 149 2.20 15.84 24.05
N LEU A 150 0.98 15.39 23.78
CA LEU A 150 0.49 15.19 22.41
C LEU A 150 -0.89 15.81 22.25
N LEU A 151 -1.05 16.54 21.16
CA LEU A 151 -2.32 17.05 20.71
C LEU A 151 -2.56 16.49 19.32
N ILE A 152 -3.60 15.66 19.22
CA ILE A 152 -4.06 15.01 18.00
C ILE A 152 -5.08 15.96 17.39
N VAL A 153 -4.85 16.40 16.14
CA VAL A 153 -5.71 17.32 15.45
C VAL A 153 -6.36 16.67 14.20
N ALA A 154 -7.69 16.67 14.18
CA ALA A 154 -8.39 16.15 13.01
C ALA A 154 -8.40 17.28 11.98
N PRO A 155 -8.03 16.97 10.71
CA PRO A 155 -8.05 17.99 9.69
C PRO A 155 -9.49 18.31 9.29
N PRO A 156 -9.72 19.49 8.74
CA PRO A 156 -11.11 19.79 8.33
C PRO A 156 -11.53 18.79 7.26
N PRO A 157 -12.80 18.34 7.27
CA PRO A 157 -13.24 17.36 6.28
C PRO A 157 -13.22 17.88 4.84
N CYS A 158 -13.13 16.96 3.90
CA CYS A 158 -13.25 17.27 2.49
C CYS A 158 -14.66 17.76 2.13
N VAL A 159 -14.75 18.52 1.05
CA VAL A 159 -16.03 18.98 0.54
C VAL A 159 -16.06 18.74 -0.95
N ALA A 160 -17.20 18.98 -1.58
CA ALA A 160 -17.32 18.83 -3.00
C ALA A 160 -16.32 19.75 -3.68
N GLY A 161 -15.40 19.16 -4.43
CA GLY A 161 -14.58 19.89 -5.38
C GLY A 161 -15.41 20.22 -6.62
N PRO A 162 -14.77 20.84 -7.63
CA PRO A 162 -15.47 21.28 -8.84
C PRO A 162 -16.31 20.20 -9.55
N GLY A 163 -15.77 18.98 -9.65
CA GLY A 163 -16.48 17.88 -10.34
C GLY A 163 -17.65 17.28 -9.57
N GLY A 164 -17.88 17.75 -8.34
CA GLY A 164 -18.91 17.19 -7.47
C GLY A 164 -18.31 16.33 -6.38
N GLU A 165 -16.99 16.09 -6.43
CA GLU A 165 -16.30 15.27 -5.42
C GLU A 165 -14.96 15.89 -5.06
N PRO A 166 -14.41 15.50 -3.89
CA PRO A 166 -13.11 16.07 -3.54
C PRO A 166 -11.99 15.54 -4.46
N ALA A 167 -10.89 16.29 -4.52
CA ALA A 167 -9.73 15.89 -5.29
C ALA A 167 -9.13 14.58 -4.73
N GLY A 168 -8.53 13.82 -5.63
CA GLY A 168 -7.74 12.65 -5.22
C GLY A 168 -8.54 11.42 -4.86
N GLY A 169 -9.80 11.39 -5.28
CA GLY A 169 -10.69 10.27 -5.02
C GLY A 169 -11.09 10.11 -3.55
N ARG A 170 -10.86 11.13 -2.74
CA ARG A 170 -11.22 11.05 -1.32
C ARG A 170 -12.74 11.11 -1.14
N ASP A 171 -13.22 10.46 -0.09
CA ASP A 171 -14.63 10.34 0.21
C ASP A 171 -14.96 11.30 1.35
N ILE A 172 -15.98 12.13 1.17
CA ILE A 172 -16.38 13.13 2.16
C ILE A 172 -16.77 12.47 3.48
N GLU A 173 -17.62 11.45 3.38
CA GLU A 173 -18.14 10.81 4.57
CA GLU A 173 -18.16 10.72 4.53
C GLU A 173 -17.04 10.15 5.40
N GLN A 174 -16.01 9.61 4.74
CA GLN A 174 -14.87 9.05 5.48
C GLN A 174 -14.05 10.14 6.19
N SER A 175 -13.81 11.27 5.51
CA SER A 175 -13.09 12.38 6.12
C SER A 175 -13.80 12.91 7.38
N MSE A 176 -15.14 12.81 7.38
CA MSE A 176 -15.97 13.29 8.48
CA MSE A 176 -15.97 13.29 8.48
C MSE A 176 -15.90 12.35 9.69
O MSE A 176 -16.33 12.71 10.80
CB MSE A 176 -17.42 13.43 8.03
CB MSE A 176 -17.42 13.44 8.01
CG MSE A 176 -17.70 14.59 7.06
CG MSE A 176 -18.25 14.47 8.80
SE MSE A 176 -19.57 14.58 6.56
SE MSE A 176 -18.01 16.31 8.18
CE MSE A 176 -19.67 16.23 5.50
CE MSE A 176 -18.73 17.26 9.71
N ARG A 177 -15.39 11.15 9.49
CA ARG A 177 -15.20 10.19 10.57
C ARG A 177 -13.92 10.46 11.37
N LEU A 178 -13.02 11.29 10.85
CA LEU A 178 -11.73 11.48 11.50
C LEU A 178 -11.88 12.17 12.86
N ALA A 179 -12.74 13.18 12.95
CA ALA A 179 -12.94 13.89 14.23
C ALA A 179 -13.40 12.94 15.36
N PRO A 180 -14.55 12.27 15.19
CA PRO A 180 -14.99 11.39 16.28
C PRO A 180 -14.05 10.22 16.56
N LEU A 181 -13.40 9.65 15.53
CA LEU A 181 -12.46 8.55 15.78
C LEU A 181 -11.21 9.04 16.50
N TYR A 182 -10.69 10.20 16.09
CA TYR A 182 -9.50 10.77 16.73
C TYR A 182 -9.81 11.22 18.16
N ARG A 183 -10.99 11.76 18.36
CA ARG A 183 -11.44 12.13 19.71
C ARG A 183 -11.43 10.92 20.62
N LYS A 184 -11.99 9.82 20.14
CA LYS A 184 -12.10 8.60 20.94
C LYS A 184 -10.72 8.03 21.19
N LEU A 185 -9.84 8.09 20.18
CA LEU A 185 -8.46 7.65 20.34
C LEU A 185 -7.68 8.45 21.39
N ALA A 186 -7.81 9.79 21.33
CA ALA A 186 -7.16 10.68 22.28
C ALA A 186 -7.64 10.39 23.71
N ALA A 187 -8.95 10.17 23.90
CA ALA A 187 -9.50 9.81 25.20
C ALA A 187 -8.92 8.49 25.69
N GLU A 188 -8.88 7.48 24.81
CA GLU A 188 -8.30 6.18 25.19
C GLU A 188 -6.85 6.29 25.66
N LEU A 189 -6.04 7.07 24.93
CA LEU A 189 -4.61 7.13 25.16
C LEU A 189 -4.20 8.16 26.19
N GLY A 190 -5.15 9.00 26.63
CA GLY A 190 -4.85 10.05 27.62
C GLY A 190 -4.11 11.24 27.04
N HIS A 191 -4.46 11.63 25.82
CA HIS A 191 -3.92 12.82 25.19
C HIS A 191 -5.03 13.78 24.83
N HIS A 192 -4.67 14.95 24.32
CA HIS A 192 -5.63 15.99 23.93
C HIS A 192 -6.01 15.90 22.45
N PHE A 193 -7.17 16.47 22.15
CA PHE A 193 -7.74 16.42 20.79
C PHE A 193 -8.27 17.77 20.42
N PHE A 194 -8.09 18.16 19.16
CA PHE A 194 -8.81 19.31 18.63
C PHE A 194 -9.32 18.99 17.23
N ASP A 195 -10.55 19.39 16.95
CA ASP A 195 -11.13 19.28 15.62
C ASP A 195 -10.94 20.55 14.80
N ALA A 196 -9.97 20.56 13.89
CA ALA A 196 -9.72 21.72 13.02
C ALA A 196 -10.91 22.06 12.15
N GLY A 197 -11.77 21.07 11.87
CA GLY A 197 -13.02 21.30 11.14
C GLY A 197 -14.03 22.18 11.89
N SER A 198 -13.85 22.33 13.20
CA SER A 198 -14.74 23.16 14.00
C SER A 198 -14.49 24.64 13.77
N VAL A 199 -13.34 24.99 13.20
CA VAL A 199 -12.98 26.38 12.92
C VAL A 199 -12.61 26.69 11.47
N ALA A 200 -12.49 25.68 10.62
CA ALA A 200 -12.02 25.87 9.25
C ALA A 200 -12.70 24.88 8.36
N SER A 201 -12.95 25.30 7.12
CA SER A 201 -13.52 24.41 6.09
C SER A 201 -12.60 24.27 4.88
N ALA A 202 -12.56 23.07 4.31
CA ALA A 202 -11.89 22.83 3.03
C ALA A 202 -12.35 23.81 1.95
N SER A 203 -11.45 24.16 1.05
CA SER A 203 -11.81 25.03 -0.09
C SER A 203 -12.60 24.25 -1.17
N PRO A 204 -13.62 24.87 -1.75
CA PRO A 204 -14.28 24.22 -2.89
C PRO A 204 -13.47 24.25 -4.20
N VAL A 205 -12.37 25.01 -4.23
CA VAL A 205 -11.47 25.02 -5.38
C VAL A 205 -10.96 23.59 -5.69
N ASP A 206 -10.63 22.82 -4.65
CA ASP A 206 -10.30 21.42 -4.87
C ASP A 206 -10.98 20.44 -3.91
N GLY A 207 -11.77 20.94 -2.98
CA GLY A 207 -12.46 20.11 -2.00
C GLY A 207 -11.60 19.56 -0.88
N VAL A 208 -10.31 19.91 -0.85
CA VAL A 208 -9.37 19.24 0.06
C VAL A 208 -8.48 20.23 0.88
N HIS A 209 -7.86 21.18 0.19
CA HIS A 209 -6.91 22.10 0.82
C HIS A 209 -7.57 23.33 1.40
N LEU A 210 -6.79 24.14 2.11
CA LEU A 210 -7.29 25.30 2.85
C LEU A 210 -6.79 26.62 2.27
N ASP A 211 -7.69 27.60 2.15
CA ASP A 211 -7.24 28.94 1.77
C ASP A 211 -6.48 29.59 2.96
N ALA A 212 -5.90 30.76 2.73
CA ALA A 212 -5.05 31.42 3.75
C ALA A 212 -5.81 31.72 5.03
N SER A 213 -7.06 32.19 4.87
CA SER A 213 -7.93 32.55 5.98
C SER A 213 -8.23 31.39 6.89
N ALA A 214 -8.60 30.26 6.29
CA ALA A 214 -8.96 29.07 7.02
C ALA A 214 -7.72 28.49 7.70
N THR A 215 -6.57 28.62 7.03
CA THR A 215 -5.31 28.17 7.58
C THR A 215 -4.95 28.96 8.84
N ALA A 216 -5.03 30.28 8.76
CA ALA A 216 -4.71 31.14 9.89
C ALA A 216 -5.70 30.95 11.05
N ALA A 217 -6.98 30.67 10.73
CA ALA A 217 -7.98 30.42 11.78
C ALA A 217 -7.66 29.15 12.58
N ILE A 218 -7.00 28.17 11.96
CA ILE A 218 -6.55 27.00 12.68
C ILE A 218 -5.45 27.36 13.68
N GLY A 219 -4.46 28.14 13.25
CA GLY A 219 -3.39 28.53 14.15
C GLY A 219 -3.90 29.34 15.33
N ARG A 220 -4.84 30.25 15.05
CA ARG A 220 -5.44 31.06 16.11
C ARG A 220 -6.22 30.22 17.12
N ALA A 221 -7.01 29.27 16.61
CA ALA A 221 -7.87 28.40 17.43
C ALA A 221 -7.04 27.43 18.29
N LEU A 222 -5.89 27.01 17.78
CA LEU A 222 -5.01 26.09 18.55
C LEU A 222 -4.30 26.73 19.75
N ALA A 223 -4.22 28.05 19.78
CA ALA A 223 -3.53 28.76 20.84
C ALA A 223 -4.16 28.41 22.19
N ALA A 224 -5.49 28.31 22.24
CA ALA A 224 -6.20 28.02 23.50
C ALA A 224 -5.89 26.66 24.09
N PRO A 225 -6.13 25.57 23.34
CA PRO A 225 -5.74 24.29 23.88
C PRO A 225 -4.23 24.22 24.16
N VAL A 226 -3.40 24.83 23.31
CA VAL A 226 -1.95 24.75 23.49
C VAL A 226 -1.54 25.42 24.82
N ARG A 227 -2.19 26.53 25.18
CA ARG A 227 -2.06 27.08 26.55
C ARG A 227 -2.55 26.17 27.68
N ASP A 228 -3.72 25.53 27.54
CA ASP A 228 -4.20 24.58 28.57
C ASP A 228 -3.17 23.47 28.74
N ILE A 229 -2.58 23.02 27.64
CA ILE A 229 -1.68 21.86 27.67
C ILE A 229 -0.32 22.23 28.28
N LEU A 230 0.29 23.32 27.78
CA LEU A 230 1.64 23.73 28.19
C LEU A 230 1.72 24.25 29.62
N MSE B 23 12.58 -37.29 14.87
CA MSE B 23 11.53 -36.28 15.13
C MSE B 23 11.37 -35.21 14.04
O MSE B 23 12.34 -34.56 13.64
CB MSE B 23 11.79 -35.57 16.45
CG MSE B 23 10.62 -34.64 16.81
SE MSE B 23 10.32 -34.28 18.72
CE MSE B 23 10.62 -36.09 19.47
N LYS B 24 10.13 -34.96 13.61
CA LYS B 24 9.88 -34.00 12.54
C LYS B 24 9.82 -32.57 13.10
N THR B 25 10.06 -31.60 12.24
CA THR B 25 9.94 -30.20 12.67
C THR B 25 8.98 -29.48 11.75
N VAL B 26 8.18 -28.61 12.36
CA VAL B 26 7.08 -27.93 11.71
C VAL B 26 7.14 -26.45 12.06
N LEU B 27 7.00 -25.59 11.05
CA LEU B 27 6.90 -24.16 11.25
C LEU B 27 5.42 -23.77 11.17
N ALA B 28 4.92 -23.09 12.21
CA ALA B 28 3.53 -22.60 12.26
C ALA B 28 3.58 -21.09 12.12
N PHE B 29 3.31 -20.61 10.91
CA PHE B 29 3.53 -19.22 10.53
C PHE B 29 2.19 -18.54 10.32
N GLY B 30 1.91 -17.49 11.09
CA GLY B 30 0.66 -16.78 10.92
C GLY B 30 0.65 -15.41 11.54
N ASP B 31 -0.57 -14.96 11.86
CA ASP B 31 -0.82 -13.64 12.37
C ASP B 31 -1.36 -13.76 13.80
N SER B 32 -2.14 -12.81 14.29
CA SER B 32 -2.63 -12.88 15.67
C SER B 32 -3.53 -14.12 15.94
N LEU B 33 -4.11 -14.74 14.92
CA LEU B 33 -4.86 -15.99 15.12
C LEU B 33 -3.92 -17.11 15.56
N THR B 34 -2.68 -17.05 15.10
CA THR B 34 -1.66 -18.03 15.43
C THR B 34 -0.96 -17.67 16.74
N TRP B 35 -0.64 -16.39 16.93
CA TRP B 35 -0.15 -15.90 18.22
C TRP B 35 -1.11 -16.23 19.35
N GLY B 36 -2.40 -16.08 19.06
CA GLY B 36 -3.47 -16.44 19.99
C GLY B 36 -4.04 -15.24 20.69
N ALA B 37 -4.50 -14.25 19.95
CA ALA B 37 -5.10 -13.02 20.57
C ALA B 37 -6.51 -13.29 21.03
N ASP B 38 -6.76 -13.01 22.30
CA ASP B 38 -8.09 -13.10 22.82
C ASP B 38 -8.96 -12.01 22.20
N PRO B 39 -10.14 -12.36 21.64
CA PRO B 39 -11.05 -11.35 21.05
C PRO B 39 -11.44 -10.17 21.95
N ALA B 40 -11.72 -10.42 23.24
CA ALA B 40 -12.16 -9.38 24.16
C ALA B 40 -11.03 -8.45 24.60
N THR B 41 -9.89 -9.03 24.96
CA THR B 41 -8.83 -8.27 25.66
C THR B 41 -7.62 -7.99 24.76
N GLY B 42 -7.44 -8.77 23.72
CA GLY B 42 -6.22 -8.72 22.91
C GLY B 42 -5.01 -9.39 23.54
N LEU B 43 -5.16 -9.92 24.77
CA LEU B 43 -4.06 -10.60 25.45
C LEU B 43 -3.96 -12.02 24.95
N ARG B 44 -2.80 -12.63 25.17
CA ARG B 44 -2.52 -13.92 24.55
C ARG B 44 -3.30 -15.02 25.28
N HIS B 45 -3.94 -15.91 24.52
CA HIS B 45 -4.49 -17.13 25.07
C HIS B 45 -3.41 -17.93 25.81
N PRO B 46 -3.80 -18.69 26.83
CA PRO B 46 -2.82 -19.55 27.47
C PRO B 46 -2.27 -20.60 26.48
N VAL B 47 -1.03 -20.99 26.71
CA VAL B 47 -0.31 -21.86 25.79
C VAL B 47 -1.08 -23.10 25.39
N GLU B 48 -1.80 -23.71 26.33
CA GLU B 48 -2.52 -24.94 26.03
C GLU B 48 -3.72 -24.68 25.10
N HIS B 49 -4.06 -23.42 24.80
CA HIS B 49 -5.10 -23.16 23.82
C HIS B 49 -4.63 -22.52 22.52
N ARG B 50 -3.31 -22.43 22.31
CA ARG B 50 -2.81 -21.90 21.07
C ARG B 50 -2.69 -23.01 20.08
N TRP B 51 -3.08 -22.77 18.83
CA TRP B 51 -3.18 -23.86 17.87
C TRP B 51 -1.86 -24.57 17.64
N PRO B 52 -0.73 -23.84 17.55
CA PRO B 52 0.54 -24.58 17.35
C PRO B 52 0.89 -25.51 18.50
N ASP B 53 0.69 -25.06 19.74
CA ASP B 53 0.95 -25.88 20.91
C ASP B 53 0.01 -27.09 20.98
N VAL B 54 -1.29 -26.85 20.77
CA VAL B 54 -2.27 -27.94 20.70
C VAL B 54 -1.91 -28.95 19.62
N LEU B 55 -1.44 -28.45 18.44
CA LEU B 55 -1.08 -29.36 17.36
C LEU B 55 0.08 -30.25 17.81
N GLU B 56 1.11 -29.65 18.41
CA GLU B 56 2.26 -30.40 18.88
C GLU B 56 1.86 -31.45 19.91
N ALA B 57 0.99 -31.08 20.86
CA ALA B 57 0.55 -32.05 21.87
C ALA B 57 -0.16 -33.22 21.21
N GLU B 58 -0.98 -32.95 20.20
CA GLU B 58 -1.73 -34.01 19.51
C GLU B 58 -0.82 -34.93 18.71
N LEU B 59 0.27 -34.37 18.19
CA LEU B 59 1.23 -35.17 17.44
C LEU B 59 2.03 -36.10 18.34
N ALA B 60 1.92 -35.92 19.66
CA ALA B 60 2.37 -36.93 20.62
C ALA B 60 3.83 -37.36 20.39
N GLY B 61 4.68 -36.36 20.16
CA GLY B 61 6.11 -36.57 20.02
C GLY B 61 6.61 -36.91 18.62
N LYS B 62 5.72 -36.96 17.62
CA LYS B 62 6.13 -37.11 16.21
C LYS B 62 6.83 -35.84 15.70
N ALA B 63 6.49 -34.69 16.27
CA ALA B 63 6.91 -33.41 15.71
C ALA B 63 7.08 -32.34 16.78
N LYS B 64 8.01 -31.44 16.50
CA LYS B 64 8.20 -30.19 17.22
C LYS B 64 7.60 -29.10 16.34
N VAL B 65 6.78 -28.24 16.92
CA VAL B 65 6.16 -27.17 16.15
C VAL B 65 6.67 -25.83 16.64
N HIS B 66 7.22 -25.02 15.73
CA HIS B 66 7.76 -23.71 16.09
C HIS B 66 6.72 -22.64 15.78
N PRO B 67 6.20 -21.98 16.80
CA PRO B 67 5.19 -20.94 16.54
C PRO B 67 5.78 -19.60 16.09
N GLU B 68 5.22 -19.00 15.02
CA GLU B 68 5.64 -17.69 14.55
C GLU B 68 4.39 -16.91 14.11
N GLY B 69 3.65 -16.43 15.10
CA GLY B 69 2.41 -15.70 14.88
C GLY B 69 2.56 -14.25 15.29
N LEU B 70 2.38 -13.34 14.35
CA LEU B 70 2.61 -11.91 14.59
C LEU B 70 1.32 -11.13 14.31
N GLY B 71 0.83 -10.42 15.30
CA GLY B 71 -0.37 -9.61 15.13
C GLY B 71 -0.19 -8.57 14.01
N GLY B 72 -1.18 -8.50 13.11
CA GLY B 72 -1.14 -7.62 11.96
C GLY B 72 -0.45 -8.17 10.73
N ARG B 73 0.12 -9.38 10.80
CA ARG B 73 0.89 -9.92 9.67
C ARG B 73 0.03 -10.11 8.42
N THR B 74 0.55 -9.62 7.29
CA THR B 74 -0.04 -9.86 5.97
C THR B 74 0.78 -10.92 5.25
N THR B 75 0.30 -11.35 4.09
CA THR B 75 1.06 -12.30 3.27
C THR B 75 2.32 -11.67 2.75
N CYS B 76 2.25 -10.51 2.10
CA CYS B 76 3.44 -9.93 1.50
C CYS B 76 3.36 -8.41 1.36
N TYR B 77 2.69 -7.77 2.30
CA TYR B 77 2.37 -6.35 2.17
C TYR B 77 2.92 -5.61 3.38
N ASP B 78 3.63 -4.54 3.10
CA ASP B 78 4.20 -3.70 4.15
C ASP B 78 3.02 -3.07 4.89
N ASP B 79 3.14 -2.97 6.21
CA ASP B 79 2.11 -2.35 7.04
C ASP B 79 2.84 -1.84 8.26
N HIS B 80 2.92 -0.52 8.39
CA HIS B 80 3.76 0.08 9.43
C HIS B 80 2.95 0.58 10.63
N ALA B 81 1.70 0.11 10.75
CA ALA B 81 0.81 0.58 11.81
C ALA B 81 1.09 -0.12 13.15
N GLY B 82 2.01 -1.07 13.18
CA GLY B 82 2.31 -1.81 14.42
C GLY B 82 3.73 -1.57 14.92
N PRO B 83 4.10 -2.21 16.05
CA PRO B 83 5.45 -2.06 16.59
C PRO B 83 6.55 -2.90 15.88
N ALA B 84 6.14 -3.79 14.98
CA ALA B 84 7.07 -4.69 14.28
C ALA B 84 6.62 -4.87 12.84
N CYS B 85 7.58 -5.20 11.99
CA CYS B 85 7.32 -5.50 10.58
C CYS B 85 6.21 -6.54 10.38
N ARG B 86 5.25 -6.21 9.50
CA ARG B 86 4.11 -7.05 9.22
C ARG B 86 4.15 -7.72 7.86
N ASN B 87 5.23 -7.48 7.11
CA ASN B 87 5.40 -8.14 5.84
C ASN B 87 5.71 -9.63 6.03
N GLY B 88 4.74 -10.47 5.68
CA GLY B 88 4.89 -11.91 5.86
C GLY B 88 6.01 -12.57 5.09
N ALA B 89 6.24 -12.13 3.85
CA ALA B 89 7.31 -12.69 3.01
C ALA B 89 8.70 -12.45 3.62
N ARG B 90 8.96 -11.25 4.08
CA ARG B 90 10.28 -10.97 4.67
C ARG B 90 10.46 -11.75 5.94
N ALA B 91 9.43 -11.82 6.76
CA ALA B 91 9.51 -12.58 7.99
C ALA B 91 9.55 -14.09 7.76
N LEU B 92 8.90 -14.56 6.69
CA LEU B 92 8.93 -15.95 6.37
C LEU B 92 10.37 -16.37 6.04
N GLU B 93 11.10 -15.57 5.26
CA GLU B 93 12.49 -15.89 4.95
C GLU B 93 13.30 -16.02 6.23
N VAL B 94 13.09 -15.10 7.17
CA VAL B 94 13.75 -15.18 8.46
C VAL B 94 13.38 -16.46 9.25
N ALA B 95 12.10 -16.80 9.30
CA ALA B 95 11.65 -17.97 10.03
C ALA B 95 12.19 -19.27 9.41
N LEU B 96 12.28 -19.33 8.09
CA LEU B 96 12.88 -20.49 7.42
C LEU B 96 14.34 -20.65 7.81
N SER B 97 15.09 -19.56 7.80
CA SER B 97 16.51 -19.63 8.12
C SER B 97 16.75 -20.00 9.58
N CYS B 98 15.98 -19.38 10.49
CA CYS B 98 16.06 -19.68 11.93
C CYS B 98 15.71 -21.10 12.29
N HIS B 99 14.76 -21.71 11.58
CA HIS B 99 14.25 -23.03 11.98
C HIS B 99 14.54 -24.20 11.06
N MSE B 100 15.16 -23.91 9.93
CA MSE B 100 15.59 -24.95 9.03
C MSE B 100 16.65 -25.83 9.70
O MSE B 100 17.45 -25.34 10.52
CB MSE B 100 16.13 -24.38 7.74
CG MSE B 100 17.37 -23.55 7.91
SE MSE B 100 18.04 -22.79 6.26
CE MSE B 100 19.69 -22.04 7.08
N PRO B 101 16.69 -27.13 9.33
CA PRO B 101 15.82 -27.79 8.36
C PRO B 101 14.41 -28.10 8.91
N LEU B 102 13.43 -27.88 8.05
CA LEU B 102 12.04 -28.03 8.37
C LEU B 102 11.43 -29.14 7.51
N ASP B 103 10.59 -29.97 8.13
CA ASP B 103 9.83 -31.00 7.39
C ASP B 103 8.56 -30.43 6.76
N LEU B 104 7.95 -29.45 7.42
CA LEU B 104 6.68 -28.88 6.97
C LEU B 104 6.55 -27.45 7.42
N VAL B 105 5.95 -26.63 6.55
CA VAL B 105 5.60 -25.27 6.85
C VAL B 105 4.09 -25.17 6.76
N ILE B 106 3.47 -24.61 7.79
CA ILE B 106 2.03 -24.35 7.79
C ILE B 106 1.83 -22.85 7.81
N ILE B 107 1.04 -22.32 6.89
CA ILE B 107 0.83 -20.88 6.84
C ILE B 107 -0.64 -20.58 6.91
N MSE B 108 -1.04 -19.84 7.94
CA MSE B 108 -2.40 -19.35 8.01
C MSE B 108 -2.37 -17.84 8.03
O MSE B 108 -2.09 -17.23 9.06
CB MSE B 108 -3.12 -19.87 9.26
CG MSE B 108 -4.60 -19.51 9.28
SE MSE B 108 -5.54 -20.39 10.78
CE MSE B 108 -4.98 -19.32 12.05
N LEU B 109 -2.66 -17.24 6.88
CA LEU B 109 -2.67 -15.80 6.70
C LEU B 109 -3.75 -15.43 5.70
N GLY B 110 -4.09 -14.15 5.68
CA GLY B 110 -5.13 -13.63 4.76
C GLY B 110 -6.05 -12.66 5.43
N THR B 111 -6.21 -12.81 6.75
CA THR B 111 -7.19 -12.03 7.52
C THR B 111 -6.82 -10.53 7.48
N ASN B 112 -5.53 -10.20 7.47
CA ASN B 112 -5.10 -8.80 7.39
C ASN B 112 -5.00 -8.23 5.98
N ASP B 113 -4.84 -9.12 5.01
CA ASP B 113 -4.74 -8.73 3.61
C ASP B 113 -6.07 -8.21 3.07
N ILE B 114 -7.16 -8.59 3.74
CA ILE B 114 -8.47 -8.09 3.35
C ILE B 114 -8.84 -6.80 4.11
N LYS B 115 -7.94 -6.26 4.92
CA LYS B 115 -8.17 -4.91 5.49
C LYS B 115 -8.28 -3.89 4.31
N PRO B 116 -9.08 -2.83 4.45
CA PRO B 116 -9.12 -1.82 3.40
C PRO B 116 -7.76 -1.28 2.94
N VAL B 117 -6.79 -1.09 3.85
CA VAL B 117 -5.50 -0.53 3.47
C VAL B 117 -4.78 -1.41 2.46
N HIS B 118 -5.07 -2.71 2.49
CA HIS B 118 -4.45 -3.66 1.56
C HIS B 118 -5.37 -4.08 0.40
N GLY B 119 -6.43 -3.32 0.19
CA GLY B 119 -7.32 -3.49 -0.98
C GLY B 119 -8.74 -3.95 -0.66
N GLY B 120 -8.96 -4.47 0.54
CA GLY B 120 -10.27 -4.90 0.98
C GLY B 120 -10.82 -6.16 0.33
N ARG B 121 -9.97 -6.92 -0.34
CA ARG B 121 -10.42 -8.00 -1.21
C ARG B 121 -9.51 -9.22 -1.13
N ALA B 122 -10.02 -10.35 -1.60
CA ALA B 122 -9.31 -11.62 -1.44
C ALA B 122 -8.14 -11.83 -2.41
N GLU B 123 -8.19 -11.18 -3.57
CA GLU B 123 -7.13 -11.33 -4.59
C GLU B 123 -5.72 -11.11 -4.02
N ALA B 124 -5.55 -10.07 -3.20
CA ALA B 124 -4.27 -9.76 -2.61
C ALA B 124 -3.76 -10.90 -1.70
N ALA B 125 -4.68 -11.54 -0.93
CA ALA B 125 -4.35 -12.68 -0.08
C ALA B 125 -3.87 -13.89 -0.88
N VAL B 126 -4.62 -14.27 -1.90
CA VAL B 126 -4.19 -15.37 -2.76
C VAL B 126 -2.89 -15.08 -3.56
N SER B 127 -2.72 -13.87 -4.09
CA SER B 127 -1.48 -13.51 -4.75
C SER B 127 -0.35 -13.59 -3.74
N GLY B 128 -0.59 -13.09 -2.52
CA GLY B 128 0.44 -13.14 -1.50
C GLY B 128 0.80 -14.55 -1.05
N MSE B 129 -0.21 -15.40 -0.92
CA MSE B 129 0.02 -16.81 -0.57
C MSE B 129 0.83 -17.53 -1.64
O MSE B 129 1.67 -18.35 -1.30
CB MSE B 129 -1.30 -17.53 -0.37
CG MSE B 129 -1.17 -18.91 0.29
SE MSE B 129 -0.25 -18.96 2.02
CE MSE B 129 -1.64 -18.24 3.14
N ARG B 130 0.56 -17.24 -2.92
CA ARG B 130 1.38 -17.76 -4.01
C ARG B 130 2.86 -17.40 -3.81
N ARG B 131 3.12 -16.14 -3.46
CA ARG B 131 4.48 -15.67 -3.25
C ARG B 131 5.13 -16.42 -2.09
N LEU B 132 4.40 -16.58 -1.00
CA LEU B 132 4.90 -17.31 0.15
C LEU B 132 5.22 -18.77 -0.21
N ALA B 133 4.35 -19.41 -0.98
CA ALA B 133 4.59 -20.77 -1.44
C ALA B 133 5.86 -20.84 -2.29
N GLN B 134 6.03 -19.89 -3.19
CA GLN B 134 7.27 -19.78 -4.00
C GLN B 134 8.50 -19.66 -3.14
N ILE B 135 8.41 -18.85 -2.09
CA ILE B 135 9.53 -18.66 -1.16
C ILE B 135 9.89 -19.97 -0.47
N VAL B 136 8.91 -20.70 0.05
CA VAL B 136 9.16 -21.98 0.69
C VAL B 136 9.80 -22.97 -0.29
N GLU B 137 9.28 -23.01 -1.51
CA GLU B 137 9.81 -23.93 -2.50
C GLU B 137 11.27 -23.67 -2.86
N THR B 138 11.63 -22.41 -2.99
CA THR B 138 12.90 -22.01 -3.63
C THR B 138 13.98 -21.51 -2.68
N PHE B 139 13.69 -21.48 -1.39
CA PHE B 139 14.63 -20.95 -0.41
C PHE B 139 15.94 -21.73 -0.44
N ILE B 140 17.04 -21.04 -0.10
CA ILE B 140 18.36 -21.67 0.01
C ILE B 140 18.49 -22.31 1.39
N TYR B 141 18.08 -23.56 1.46
CA TYR B 141 18.14 -24.33 2.71
C TYR B 141 19.53 -24.94 2.94
N LYS B 142 19.79 -25.25 4.20
CA LYS B 142 21.00 -25.95 4.64
C LYS B 142 20.52 -27.22 5.33
N PRO B 143 20.68 -28.38 4.67
CA PRO B 143 21.20 -28.64 3.34
C PRO B 143 20.20 -28.30 2.24
N ARG B 144 20.68 -28.18 1.01
CA ARG B 144 19.82 -27.66 -0.08
C ARG B 144 18.60 -28.50 -0.36
N GLU B 145 18.69 -29.79 -0.04
CA GLU B 145 17.61 -30.73 -0.35
C GLU B 145 16.53 -30.81 0.74
N ALA B 146 16.72 -30.13 1.87
CA ALA B 146 15.74 -30.12 2.93
C ALA B 146 14.58 -29.18 2.59
N VAL B 147 13.90 -29.42 1.47
CA VAL B 147 12.78 -28.57 1.07
C VAL B 147 11.54 -29.02 1.83
N PRO B 148 10.93 -28.12 2.62
CA PRO B 148 9.79 -28.53 3.43
C PRO B 148 8.55 -28.76 2.60
N LYS B 149 7.65 -29.58 3.11
CA LYS B 149 6.32 -29.66 2.54
C LYS B 149 5.57 -28.37 2.99
N LEU B 150 4.44 -28.09 2.34
CA LEU B 150 3.70 -26.89 2.63
C LEU B 150 2.22 -27.18 2.82
N LEU B 151 1.67 -26.70 3.92
CA LEU B 151 0.23 -26.75 4.15
C LEU B 151 -0.31 -25.31 4.19
N ILE B 152 -1.13 -24.96 3.20
CA ILE B 152 -1.78 -23.65 3.11
C ILE B 152 -3.12 -23.70 3.86
N VAL B 153 -3.30 -22.82 4.84
CA VAL B 153 -4.51 -22.83 5.67
C VAL B 153 -5.34 -21.56 5.46
N ALA B 154 -6.60 -21.73 5.06
CA ALA B 154 -7.53 -20.62 5.01
C ALA B 154 -7.98 -20.32 6.43
N PRO B 155 -7.82 -19.05 6.89
CA PRO B 155 -8.31 -18.71 8.23
C PRO B 155 -9.83 -18.71 8.26
N PRO B 156 -10.42 -18.87 9.45
CA PRO B 156 -11.88 -18.80 9.54
C PRO B 156 -12.41 -17.45 9.06
N PRO B 157 -13.54 -17.43 8.35
CA PRO B 157 -14.10 -16.18 7.84
C PRO B 157 -14.50 -15.23 8.98
N CYS B 158 -14.54 -13.95 8.66
CA CYS B 158 -15.01 -12.95 9.62
C CYS B 158 -16.50 -13.12 9.79
N VAL B 159 -17.03 -12.61 10.90
CA VAL B 159 -18.46 -12.60 11.16
C VAL B 159 -18.84 -11.19 11.65
N ALA B 160 -20.13 -10.94 11.80
CA ALA B 160 -20.57 -9.66 12.29
C ALA B 160 -20.08 -9.48 13.73
N GLY B 161 -19.40 -8.35 13.99
CA GLY B 161 -19.06 -7.95 15.36
C GLY B 161 -20.24 -7.24 16.02
N PRO B 162 -20.01 -6.61 17.20
CA PRO B 162 -21.11 -5.98 17.96
C PRO B 162 -21.88 -4.96 17.15
N GLY B 163 -21.16 -4.14 16.37
CA GLY B 163 -21.79 -3.07 15.60
C GLY B 163 -22.45 -3.50 14.31
N GLY B 164 -22.26 -4.75 13.90
CA GLY B 164 -22.92 -5.28 12.70
C GLY B 164 -21.99 -5.76 11.59
N GLU B 165 -20.71 -5.39 11.64
CA GLU B 165 -19.71 -5.87 10.67
C GLU B 165 -18.39 -6.17 11.41
N PRO B 166 -17.43 -6.84 10.72
CA PRO B 166 -16.21 -7.18 11.47
C PRO B 166 -15.37 -5.95 11.83
N ALA B 167 -14.47 -6.12 12.80
CA ALA B 167 -13.51 -5.10 13.15
C ALA B 167 -12.60 -4.78 11.96
N GLY B 168 -12.10 -3.55 11.92
CA GLY B 168 -11.06 -3.16 10.97
C GLY B 168 -11.50 -2.96 9.53
N GLY B 169 -12.82 -2.82 9.33
CA GLY B 169 -13.36 -2.61 7.99
C GLY B 169 -13.37 -3.82 7.08
N ARG B 170 -13.11 -5.00 7.63
CA ARG B 170 -13.10 -6.23 6.83
C ARG B 170 -14.49 -6.61 6.31
N ASP B 171 -14.49 -7.25 5.15
CA ASP B 171 -15.72 -7.63 4.45
C ASP B 171 -15.90 -9.14 4.60
N ILE B 172 -17.07 -9.55 5.09
CA ILE B 172 -17.33 -10.95 5.38
C ILE B 172 -17.25 -11.77 4.10
N GLU B 173 -17.93 -11.28 3.07
CA GLU B 173 -17.95 -11.91 1.76
C GLU B 173 -16.54 -12.17 1.21
N GLN B 174 -15.62 -11.22 1.40
CA GLN B 174 -14.26 -11.39 0.88
C GLN B 174 -13.49 -12.46 1.68
N SER B 175 -13.66 -12.47 3.00
CA SER B 175 -13.04 -13.47 3.87
C SER B 175 -13.52 -14.89 3.54
N MSE B 176 -14.73 -15.01 3.01
CA MSE B 176 -15.26 -16.33 2.62
CA MSE B 176 -15.34 -16.30 2.59
C MSE B 176 -14.70 -16.85 1.30
O MSE B 176 -14.88 -18.03 0.98
CB MSE B 176 -16.76 -16.23 2.54
CB MSE B 176 -16.85 -16.14 2.34
CG MSE B 176 -17.32 -15.66 3.84
CG MSE B 176 -17.72 -15.83 3.58
SE MSE B 176 -19.04 -16.42 4.24
SE MSE B 176 -19.66 -15.56 3.18
CE MSE B 176 -18.28 -18.26 4.57
CE MSE B 176 -20.04 -17.34 2.46
N ARG B 177 -14.00 -15.99 0.57
CA ARG B 177 -13.37 -16.40 -0.69
C ARG B 177 -12.02 -17.06 -0.49
N LEU B 178 -11.41 -16.87 0.67
CA LEU B 178 -10.05 -17.37 0.88
C LEU B 178 -10.03 -18.88 0.78
N ALA B 179 -11.03 -19.57 1.34
CA ALA B 179 -10.99 -21.03 1.29
C ALA B 179 -10.95 -21.59 -0.15
N PRO B 180 -11.96 -21.26 -0.99
CA PRO B 180 -11.91 -21.74 -2.37
C PRO B 180 -10.69 -21.30 -3.18
N LEU B 181 -10.23 -20.07 -2.98
CA LEU B 181 -9.08 -19.54 -3.72
C LEU B 181 -7.77 -20.23 -3.29
N TYR B 182 -7.61 -20.46 -1.98
CA TYR B 182 -6.42 -21.12 -1.44
C TYR B 182 -6.42 -22.59 -1.83
N ARG B 183 -7.58 -23.23 -1.84
CA ARG B 183 -7.72 -24.61 -2.29
C ARG B 183 -7.27 -24.80 -3.73
N LYS B 184 -7.73 -23.92 -4.62
CA LYS B 184 -7.32 -23.92 -6.04
C LYS B 184 -5.83 -23.62 -6.19
N LEU B 185 -5.32 -22.68 -5.41
CA LEU B 185 -3.91 -22.35 -5.43
C LEU B 185 -3.07 -23.58 -5.00
N ALA B 186 -3.50 -24.23 -3.91
CA ALA B 186 -2.76 -25.36 -3.38
C ALA B 186 -2.70 -26.49 -4.42
N ALA B 187 -3.83 -26.76 -5.08
CA ALA B 187 -3.90 -27.80 -6.12
C ALA B 187 -2.98 -27.46 -7.29
N GLU B 188 -3.01 -26.20 -7.71
CA GLU B 188 -2.14 -25.71 -8.78
C GLU B 188 -0.65 -25.89 -8.50
N LEU B 189 -0.22 -25.53 -7.31
CA LEU B 189 1.19 -25.58 -6.97
C LEU B 189 1.63 -26.95 -6.46
N GLY B 190 0.71 -27.85 -6.21
CA GLY B 190 1.02 -29.19 -5.73
C GLY B 190 1.32 -29.27 -4.23
N HIS B 191 0.66 -28.43 -3.45
CA HIS B 191 0.82 -28.42 -2.00
C HIS B 191 -0.51 -28.82 -1.37
N HIS B 192 -0.55 -28.80 -0.05
CA HIS B 192 -1.71 -29.21 0.72
C HIS B 192 -2.50 -27.99 1.15
N PHE B 193 -3.80 -28.22 1.37
CA PHE B 193 -4.73 -27.20 1.81
C PHE B 193 -5.57 -27.71 2.97
N PHE B 194 -5.87 -26.81 3.91
CA PHE B 194 -6.78 -27.11 5.02
C PHE B 194 -7.62 -25.86 5.30
N ASP B 195 -8.93 -26.03 5.41
CA ASP B 195 -9.80 -24.88 5.68
C ASP B 195 -10.07 -24.81 7.19
N ALA B 196 -9.43 -23.86 7.88
CA ALA B 196 -9.63 -23.75 9.32
C ALA B 196 -11.08 -23.29 9.60
N GLY B 197 -11.68 -22.62 8.64
CA GLY B 197 -13.08 -22.24 8.70
C GLY B 197 -14.08 -23.37 8.74
N SER B 198 -13.71 -24.54 8.22
N SER B 198 -13.69 -24.54 8.21
CA SER B 198 -14.57 -25.73 8.31
CA SER B 198 -14.51 -25.75 8.29
C SER B 198 -14.47 -26.37 9.69
C SER B 198 -14.48 -26.35 9.69
N VAL B 199 -13.59 -25.83 10.55
CA VAL B 199 -13.49 -26.34 11.95
C VAL B 199 -14.09 -25.45 13.01
N ALA B 200 -13.83 -24.16 12.91
CA ALA B 200 -14.14 -23.21 13.95
C ALA B 200 -14.53 -21.88 13.28
N SER B 201 -15.15 -21.02 14.06
CA SER B 201 -15.63 -19.75 13.54
C SER B 201 -15.03 -18.60 14.30
N ALA B 202 -14.87 -17.45 13.63
CA ALA B 202 -14.52 -16.19 14.27
C ALA B 202 -15.49 -15.84 15.40
N SER B 203 -14.98 -15.16 16.41
CA SER B 203 -15.78 -14.72 17.55
C SER B 203 -16.63 -13.50 17.23
N PRO B 204 -17.90 -13.53 17.62
CA PRO B 204 -18.69 -12.30 17.48
C PRO B 204 -18.30 -11.17 18.44
N VAL B 205 -17.36 -11.41 19.37
CA VAL B 205 -16.83 -10.36 20.23
C VAL B 205 -16.17 -9.25 19.39
N ASP B 206 -15.48 -9.60 18.31
CA ASP B 206 -15.03 -8.58 17.36
C ASP B 206 -15.19 -8.91 15.89
N GLY B 207 -15.73 -10.08 15.60
CA GLY B 207 -15.94 -10.49 14.21
C GLY B 207 -14.74 -11.08 13.52
N VAL B 208 -13.58 -11.11 14.19
CA VAL B 208 -12.34 -11.43 13.49
C VAL B 208 -11.46 -12.49 14.18
N HIS B 209 -11.21 -12.27 15.48
CA HIS B 209 -10.33 -13.15 16.24
C HIS B 209 -11.05 -14.39 16.75
N LEU B 210 -10.28 -15.31 17.33
CA LEU B 210 -10.78 -16.63 17.68
C LEU B 210 -10.74 -16.76 19.18
N ASP B 211 -11.81 -17.27 19.78
CA ASP B 211 -11.73 -17.54 21.23
C ASP B 211 -10.86 -18.78 21.46
N ALA B 212 -10.63 -19.10 22.73
CA ALA B 212 -9.64 -20.11 23.10
C ALA B 212 -10.08 -21.52 22.68
N SER B 213 -11.37 -21.81 22.67
CA SER B 213 -11.80 -23.15 22.29
C SER B 213 -11.82 -23.29 20.74
N ALA B 214 -12.22 -22.26 19.98
CA ALA B 214 -12.05 -22.28 18.51
C ALA B 214 -10.57 -22.44 18.10
N THR B 215 -9.67 -21.71 18.77
CA THR B 215 -8.24 -21.83 18.52
C THR B 215 -7.72 -23.27 18.77
N ALA B 216 -8.10 -23.85 19.91
CA ALA B 216 -7.65 -25.20 20.25
C ALA B 216 -8.21 -26.21 19.23
N ALA B 217 -9.46 -26.02 18.81
CA ALA B 217 -10.11 -26.90 17.85
C ALA B 217 -9.35 -26.99 16.52
N ILE B 218 -8.77 -25.87 16.10
CA ILE B 218 -8.00 -25.82 14.87
C ILE B 218 -6.72 -26.63 15.01
N GLY B 219 -5.99 -26.45 16.12
CA GLY B 219 -4.82 -27.29 16.38
C GLY B 219 -5.14 -28.79 16.41
N ARG B 220 -6.23 -29.16 17.08
CA ARG B 220 -6.64 -30.57 17.14
C ARG B 220 -6.95 -31.11 15.75
N ALA B 221 -7.75 -30.37 14.98
CA ALA B 221 -8.17 -30.79 13.66
C ALA B 221 -6.98 -30.86 12.71
N LEU B 222 -5.96 -30.04 12.93
CA LEU B 222 -4.75 -30.08 12.09
C LEU B 222 -3.89 -31.37 12.26
N ALA B 223 -4.00 -32.06 13.40
CA ALA B 223 -3.12 -33.20 13.69
C ALA B 223 -3.19 -34.27 12.61
N ALA B 224 -4.41 -34.65 12.25
CA ALA B 224 -4.59 -35.74 11.29
C ALA B 224 -3.93 -35.48 9.91
N PRO B 225 -4.28 -34.38 9.23
CA PRO B 225 -3.61 -34.10 7.97
C PRO B 225 -2.11 -33.87 8.09
N VAL B 226 -1.66 -33.24 9.16
CA VAL B 226 -0.22 -33.07 9.39
C VAL B 226 0.47 -34.43 9.56
N ARG B 227 -0.14 -35.32 10.35
CA ARG B 227 0.40 -36.66 10.53
C ARG B 227 0.57 -37.39 9.18
N ASP B 228 -0.41 -37.23 8.28
CA ASP B 228 -0.42 -37.82 6.95
C ASP B 228 0.63 -37.20 6.04
N ILE B 229 0.73 -35.88 6.06
CA ILE B 229 1.71 -35.19 5.24
C ILE B 229 3.14 -35.63 5.63
N LEU B 230 3.41 -35.69 6.93
CA LEU B 230 4.75 -36.01 7.43
C LEU B 230 5.20 -37.43 7.10
N MSE C 23 21.94 7.24 -35.20
CA MSE C 23 21.06 6.24 -34.50
C MSE C 23 20.50 6.80 -33.17
O MSE C 23 21.26 7.19 -32.28
CB MSE C 23 21.82 4.94 -34.24
CG MSE C 23 21.00 3.86 -33.49
SE MSE C 23 19.93 2.69 -34.68
CE MSE C 23 20.80 0.93 -34.42
N LYS C 24 19.17 6.79 -33.05
CA LYS C 24 18.52 7.24 -31.82
C LYS C 24 18.34 6.06 -30.89
N THR C 25 18.27 6.35 -29.60
CA THR C 25 18.03 5.30 -28.60
C THR C 25 16.76 5.60 -27.81
N VAL C 26 16.00 4.54 -27.55
CA VAL C 26 14.67 4.67 -26.97
C VAL C 26 14.56 3.63 -25.84
N LEU C 27 14.07 4.07 -24.67
CA LEU C 27 13.71 3.16 -23.61
C LEU C 27 12.21 2.86 -23.63
N ALA C 28 11.87 1.57 -23.66
CA ALA C 28 10.47 1.10 -23.62
C ALA C 28 10.24 0.49 -22.25
N PHE C 29 9.64 1.31 -21.38
CA PHE C 29 9.51 1.00 -19.95
C PHE C 29 8.09 0.68 -19.62
N GLY C 30 7.83 -0.51 -19.11
CA GLY C 30 6.45 -0.89 -18.83
C GLY C 30 6.34 -2.11 -17.93
N ASP C 31 5.20 -2.79 -18.04
CA ASP C 31 4.85 -3.92 -17.19
C ASP C 31 4.71 -5.17 -18.08
N SER C 32 3.90 -6.17 -17.70
CA SER C 32 3.84 -7.38 -18.51
C SER C 32 3.23 -7.11 -19.90
N LEU C 33 2.51 -6.01 -20.09
CA LEU C 33 2.03 -5.67 -21.43
C LEU C 33 3.20 -5.35 -22.37
N THR C 34 4.30 -4.87 -21.78
CA THR C 34 5.53 -4.52 -22.48
C THR C 34 6.48 -5.70 -22.60
N TRP C 35 6.58 -6.47 -21.52
CA TRP C 35 7.26 -7.78 -21.54
C TRP C 35 6.66 -8.69 -22.61
N GLY C 36 5.33 -8.70 -22.72
CA GLY C 36 4.59 -9.44 -23.73
C GLY C 36 3.98 -10.70 -23.17
N ALA C 37 3.23 -10.57 -22.07
CA ALA C 37 2.57 -11.72 -21.42
C ALA C 37 1.40 -12.21 -22.24
N ASP C 38 1.45 -13.49 -22.61
CA ASP C 38 0.36 -14.19 -23.31
C ASP C 38 -0.84 -14.41 -22.36
N PRO C 39 -1.99 -13.80 -22.66
CA PRO C 39 -3.12 -13.90 -21.73
C PRO C 39 -3.51 -15.34 -21.40
N ALA C 40 -3.28 -16.22 -22.37
CA ALA C 40 -3.52 -17.64 -22.25
C ALA C 40 -2.51 -18.24 -21.28
N THR C 41 -1.29 -18.47 -21.80
CA THR C 41 -0.24 -19.24 -21.09
C THR C 41 0.46 -18.47 -19.98
N GLY C 42 0.33 -17.15 -19.98
CA GLY C 42 1.13 -16.31 -19.10
C GLY C 42 2.59 -16.27 -19.54
N LEU C 43 2.97 -17.07 -20.53
CA LEU C 43 4.32 -17.09 -21.04
C LEU C 43 4.51 -15.98 -22.06
N ARG C 44 5.76 -15.75 -22.46
CA ARG C 44 6.12 -14.59 -23.28
C ARG C 44 5.76 -14.71 -24.77
N HIS C 45 5.21 -13.64 -25.34
CA HIS C 45 4.97 -13.61 -26.79
C HIS C 45 6.30 -13.74 -27.52
N PRO C 46 6.32 -14.38 -28.70
CA PRO C 46 7.53 -14.34 -29.52
C PRO C 46 7.97 -12.89 -29.79
N VAL C 47 9.27 -12.73 -30.01
CA VAL C 47 9.88 -11.42 -30.08
C VAL C 47 9.22 -10.57 -31.16
N GLU C 48 8.79 -11.20 -32.25
CA GLU C 48 8.20 -10.52 -33.40
C GLU C 48 6.89 -9.83 -33.09
N HIS C 49 6.25 -10.22 -31.98
CA HIS C 49 4.97 -9.65 -31.58
C HIS C 49 5.03 -8.74 -30.34
N ARG C 50 6.20 -8.56 -29.71
CA ARG C 50 6.35 -7.65 -28.57
C ARG C 50 6.43 -6.21 -29.08
N TRP C 51 5.76 -5.28 -28.41
CA TRP C 51 5.63 -3.95 -28.99
C TRP C 51 6.96 -3.21 -29.13
N PRO C 52 7.88 -3.36 -28.15
CA PRO C 52 9.17 -2.71 -28.36
C PRO C 52 9.92 -3.20 -29.58
N ASP C 53 9.93 -4.50 -29.81
CA ASP C 53 10.60 -5.04 -30.99
C ASP C 53 9.87 -4.65 -32.27
N VAL C 54 8.55 -4.69 -32.24
CA VAL C 54 7.77 -4.26 -33.41
C VAL C 54 8.03 -2.77 -33.71
N LEU C 55 8.07 -1.93 -32.68
CA LEU C 55 8.36 -0.50 -32.86
C LEU C 55 9.73 -0.34 -33.53
N GLU C 56 10.73 -1.03 -33.01
CA GLU C 56 12.09 -0.97 -33.55
C GLU C 56 12.16 -1.42 -35.01
N ALA C 57 11.50 -2.52 -35.34
CA ALA C 57 11.41 -3.00 -36.72
C ALA C 57 10.71 -2.00 -37.62
N GLU C 58 9.63 -1.39 -37.12
CA GLU C 58 8.89 -0.37 -37.89
C GLU C 58 9.72 0.86 -38.15
N LEU C 59 10.69 1.15 -37.28
CA LEU C 59 11.54 2.33 -37.43
C LEU C 59 12.72 2.03 -38.35
N ALA C 60 12.77 0.78 -38.83
CA ALA C 60 13.60 0.35 -39.94
C ALA C 60 15.04 0.79 -39.80
N GLY C 61 15.60 0.60 -38.61
CA GLY C 61 17.02 0.85 -38.38
C GLY C 61 17.37 2.24 -37.87
N LYS C 62 16.39 3.12 -37.75
CA LYS C 62 16.63 4.49 -37.28
C LYS C 62 16.77 4.60 -35.75
N ALA C 63 16.18 3.66 -35.01
CA ALA C 63 16.30 3.67 -33.56
C ALA C 63 16.67 2.31 -32.97
N LYS C 64 17.34 2.35 -31.84
CA LYS C 64 17.53 1.17 -31.02
C LYS C 64 16.49 1.27 -29.88
N VAL C 65 15.70 0.22 -29.65
CA VAL C 65 14.69 0.24 -28.57
C VAL C 65 15.08 -0.79 -27.51
N HIS C 66 15.30 -0.31 -26.30
CA HIS C 66 15.65 -1.15 -25.16
C HIS C 66 14.39 -1.51 -24.39
N PRO C 67 14.01 -2.79 -24.39
CA PRO C 67 12.80 -3.16 -23.67
C PRO C 67 13.05 -3.37 -22.18
N GLU C 68 12.21 -2.78 -21.34
CA GLU C 68 12.25 -2.98 -19.89
C GLU C 68 10.82 -3.15 -19.39
N GLY C 69 10.22 -4.30 -19.68
CA GLY C 69 8.89 -4.64 -19.19
C GLY C 69 8.89 -5.71 -18.10
N LEU C 70 8.35 -5.36 -16.94
CA LEU C 70 8.37 -6.21 -15.78
C LEU C 70 6.96 -6.52 -15.32
N GLY C 71 6.64 -7.80 -15.27
CA GLY C 71 5.32 -8.24 -14.81
C GLY C 71 4.99 -7.75 -13.40
N GLY C 72 3.85 -7.11 -13.27
CA GLY C 72 3.39 -6.55 -12.00
C GLY C 72 3.84 -5.13 -11.68
N ARG C 73 4.66 -4.55 -12.54
CA ARG C 73 5.20 -3.22 -12.26
C ARG C 73 4.11 -2.17 -12.12
N THR C 74 4.24 -1.36 -11.06
CA THR C 74 3.39 -0.20 -10.88
C THR C 74 4.16 1.09 -11.28
N THR C 75 3.44 2.20 -11.40
CA THR C 75 4.15 3.48 -11.57
C THR C 75 5.14 3.81 -10.46
N CYS C 76 4.69 3.77 -9.20
CA CYS C 76 5.57 4.16 -8.08
C CYS C 76 5.21 3.54 -6.72
N TYR C 77 4.68 2.33 -6.76
CA TYR C 77 4.14 1.70 -5.56
C TYR C 77 4.81 0.37 -5.36
N ASP C 78 5.30 0.17 -4.14
CA ASP C 78 5.94 -1.06 -3.77
C ASP C 78 4.88 -2.14 -3.86
N ASP C 79 5.30 -3.33 -4.24
CA ASP C 79 4.39 -4.46 -4.39
C ASP C 79 5.28 -5.70 -4.34
N HIS C 80 5.19 -6.44 -3.25
CA HIS C 80 6.11 -7.55 -2.96
C HIS C 80 5.57 -8.92 -3.35
N ALA C 81 4.50 -8.96 -4.15
CA ALA C 81 3.84 -10.21 -4.47
C ALA C 81 4.53 -10.99 -5.63
N GLY C 82 5.58 -10.43 -6.22
CA GLY C 82 6.31 -11.11 -7.28
C GLY C 82 7.73 -11.46 -6.91
N PRO C 83 8.46 -12.07 -7.85
CA PRO C 83 9.85 -12.41 -7.60
C PRO C 83 10.83 -11.22 -7.70
N ALA C 84 10.36 -10.06 -8.14
CA ALA C 84 11.21 -8.89 -8.32
C ALA C 84 10.48 -7.61 -7.93
N CYS C 85 11.27 -6.61 -7.56
CA CYS C 85 10.76 -5.28 -7.20
C CYS C 85 9.81 -4.73 -8.27
N ARG C 86 8.61 -4.31 -7.86
CA ARG C 86 7.62 -3.81 -8.80
C ARG C 86 7.48 -2.28 -8.83
N ASN C 87 8.26 -1.57 -8.05
CA ASN C 87 8.16 -0.12 -7.97
C ASN C 87 8.77 0.49 -9.23
N GLY C 88 7.93 1.06 -10.08
CA GLY C 88 8.37 1.65 -11.33
C GLY C 88 9.38 2.78 -11.22
N ALA C 89 9.26 3.60 -10.18
CA ALA C 89 10.12 4.75 -10.02
C ALA C 89 11.58 4.35 -9.75
N ARG C 90 11.76 3.38 -8.84
CA ARG C 90 13.08 2.89 -8.51
C ARG C 90 13.70 2.22 -9.71
N ALA C 91 12.93 1.39 -10.41
CA ALA C 91 13.44 0.69 -11.58
C ALA C 91 13.75 1.68 -12.70
N LEU C 92 12.95 2.74 -12.83
CA LEU C 92 13.17 3.71 -13.89
C LEU C 92 14.54 4.38 -13.76
N GLU C 93 14.90 4.73 -12.54
CA GLU C 93 16.19 5.33 -12.27
C GLU C 93 17.30 4.39 -12.72
N VAL C 94 17.12 3.09 -12.45
CA VAL C 94 18.10 2.09 -12.84
C VAL C 94 18.16 2.00 -14.38
N ALA C 95 17.00 1.97 -15.02
CA ALA C 95 16.93 1.89 -16.50
C ALA C 95 17.55 3.11 -17.16
N LEU C 96 17.36 4.26 -16.55
CA LEU C 96 17.91 5.48 -17.11
C LEU C 96 19.43 5.45 -17.04
N SER C 97 19.96 5.02 -15.91
CA SER C 97 21.41 4.90 -15.76
C SER C 97 22.03 3.82 -16.67
N CYS C 98 21.45 2.61 -16.71
CA CYS C 98 21.95 1.57 -17.63
C CYS C 98 21.95 1.92 -19.12
N HIS C 99 20.98 2.71 -19.56
CA HIS C 99 20.77 2.93 -20.99
C HIS C 99 21.02 4.34 -21.49
N MSE C 100 21.22 5.30 -20.58
CA MSE C 100 21.66 6.63 -21.00
C MSE C 100 22.95 6.57 -21.82
O MSE C 100 23.81 5.73 -21.58
CB MSE C 100 21.86 7.56 -19.79
CG MSE C 100 22.99 7.18 -18.85
SE MSE C 100 22.99 8.27 -17.25
CE MSE C 100 24.58 7.50 -16.41
N PRO C 101 23.13 7.53 -22.73
CA PRO C 101 22.22 8.60 -23.12
C PRO C 101 21.07 8.10 -23.98
N LEU C 102 19.88 8.54 -23.64
CA LEU C 102 18.64 8.14 -24.31
C LEU C 102 18.05 9.37 -24.99
N ASP C 103 17.55 9.19 -26.21
CA ASP C 103 16.82 10.23 -26.91
C ASP C 103 15.37 10.31 -26.49
N LEU C 104 14.78 9.18 -26.15
CA LEU C 104 13.33 9.12 -25.82
C LEU C 104 13.10 8.01 -24.84
N VAL C 105 12.21 8.31 -23.88
CA VAL C 105 11.64 7.35 -22.95
C VAL C 105 10.15 7.24 -23.26
N ILE C 106 9.68 6.00 -23.43
CA ILE C 106 8.29 5.68 -23.59
C ILE C 106 7.86 4.87 -22.37
N ILE C 107 6.82 5.30 -21.68
CA ILE C 107 6.33 4.61 -20.50
C ILE C 107 4.88 4.22 -20.71
N MSE C 108 4.59 2.92 -20.59
CA MSE C 108 3.23 2.40 -20.58
C MSE C 108 3.01 1.63 -19.27
O MSE C 108 3.47 0.49 -19.11
CB MSE C 108 2.97 1.52 -21.81
CG MSE C 108 1.52 1.13 -21.94
SE MSE C 108 1.03 0.28 -23.61
CE MSE C 108 1.52 -1.43 -23.05
N LEU C 109 2.36 2.29 -18.33
CA LEU C 109 2.08 1.78 -17.00
C LEU C 109 0.71 2.29 -16.53
N GLY C 110 0.18 1.65 -15.48
CA GLY C 110 -1.15 1.99 -14.94
C GLY C 110 -2.01 0.78 -14.67
N THR C 111 -1.80 -0.27 -15.45
CA THR C 111 -2.66 -1.46 -15.35
C THR C 111 -2.58 -2.11 -13.96
N ASN C 112 -1.41 -2.05 -13.33
CA ASN C 112 -1.24 -2.59 -11.98
C ASN C 112 -1.59 -1.64 -10.83
N ASP C 113 -1.51 -0.34 -11.11
CA ASP C 113 -1.88 0.68 -10.15
C ASP C 113 -3.36 0.65 -9.81
N ILE C 114 -4.16 0.08 -10.70
CA ILE C 114 -5.59 -0.08 -10.48
C ILE C 114 -5.96 -1.43 -9.86
N LYS C 115 -4.99 -2.22 -9.43
CA LYS C 115 -5.30 -3.38 -8.63
C LYS C 115 -5.86 -2.86 -7.31
N PRO C 116 -6.74 -3.65 -6.68
CA PRO C 116 -7.30 -3.27 -5.39
C PRO C 116 -6.28 -2.87 -4.36
N VAL C 117 -5.13 -3.56 -4.31
CA VAL C 117 -4.15 -3.32 -3.26
C VAL C 117 -3.52 -1.93 -3.40
N HIS C 118 -3.48 -1.42 -4.62
CA HIS C 118 -2.99 -0.06 -4.88
C HIS C 118 -4.08 1.02 -4.95
N GLY C 119 -5.30 0.66 -4.54
CA GLY C 119 -6.40 1.61 -4.44
C GLY C 119 -7.57 1.34 -5.39
N GLY C 120 -7.33 0.54 -6.42
CA GLY C 120 -8.39 0.24 -7.39
C GLY C 120 -8.84 1.39 -8.28
N ARG C 121 -8.05 2.47 -8.33
CA ARG C 121 -8.48 3.71 -8.98
C ARG C 121 -7.39 4.37 -9.83
N ALA C 122 -7.80 5.23 -10.76
CA ALA C 122 -6.86 5.88 -11.70
C ALA C 122 -6.01 6.97 -11.09
N GLU C 123 -6.48 7.56 -9.99
CA GLU C 123 -5.74 8.65 -9.32
C GLU C 123 -4.30 8.28 -8.99
N ALA C 124 -4.08 7.09 -8.43
CA ALA C 124 -2.75 6.63 -8.08
C ALA C 124 -1.85 6.52 -9.31
N ALA C 125 -2.43 6.11 -10.44
CA ALA C 125 -1.67 5.93 -11.66
C ALA C 125 -1.17 7.25 -12.21
N VAL C 126 -2.04 8.25 -12.26
CA VAL C 126 -1.63 9.54 -12.80
C VAL C 126 -0.67 10.26 -11.85
N SER C 127 -0.82 10.12 -10.53
CA SER C 127 0.15 10.69 -9.59
C SER C 127 1.51 10.03 -9.79
N GLY C 128 1.51 8.72 -9.95
CA GLY C 128 2.75 8.00 -10.22
C GLY C 128 3.36 8.35 -11.57
N MSE C 129 2.55 8.56 -12.59
CA MSE C 129 3.09 8.97 -13.89
C MSE C 129 3.72 10.35 -13.84
O MSE C 129 4.74 10.58 -14.48
CB MSE C 129 2.02 8.88 -14.99
CG MSE C 129 2.54 9.04 -16.39
SE MSE C 129 3.78 7.66 -16.96
CE MSE C 129 2.54 6.20 -17.14
N ARG C 130 3.12 11.27 -13.09
CA ARG C 130 3.75 12.57 -12.85
C ARG C 130 5.14 12.39 -12.21
N ARG C 131 5.26 11.49 -11.23
CA ARG C 131 6.55 11.26 -10.58
C ARG C 131 7.59 10.70 -11.57
N LEU C 132 7.16 9.79 -12.44
CA LEU C 132 8.07 9.17 -13.39
C LEU C 132 8.54 10.23 -14.40
N ALA C 133 7.62 11.09 -14.80
CA ALA C 133 7.95 12.21 -15.70
C ALA C 133 8.97 13.14 -15.06
N GLN C 134 8.76 13.48 -13.79
CA GLN C 134 9.72 14.29 -13.05
C GLN C 134 11.08 13.63 -12.97
N ILE C 135 11.10 12.33 -12.74
CA ILE C 135 12.35 11.57 -12.67
C ILE C 135 13.11 11.67 -13.99
N VAL C 136 12.40 11.46 -15.12
CA VAL C 136 13.03 11.55 -16.45
C VAL C 136 13.61 12.95 -16.67
N GLU C 137 12.86 13.97 -16.29
CA GLU C 137 13.29 15.35 -16.50
C GLU C 137 14.54 15.72 -15.72
N THR C 138 14.65 15.26 -14.47
CA THR C 138 15.64 15.79 -13.54
C THR C 138 16.81 14.84 -13.20
N PHE C 139 16.86 13.68 -13.84
CA PHE C 139 17.87 12.69 -13.57
C PHE C 139 19.27 13.23 -13.88
N ILE C 140 20.26 12.72 -13.15
CA ILE C 140 21.64 13.15 -13.34
C ILE C 140 22.22 12.31 -14.51
N TYR C 141 22.04 12.79 -15.73
CA TYR C 141 22.53 12.12 -16.94
C TYR C 141 24.01 12.37 -17.18
N LYS C 142 24.61 11.43 -17.91
CA LYS C 142 25.95 11.57 -18.44
C LYS C 142 25.86 11.53 -19.95
N PRO C 143 26.07 12.66 -20.64
CA PRO C 143 26.35 14.01 -20.16
C PRO C 143 25.07 14.66 -19.64
N ARG C 144 25.19 15.75 -18.88
CA ARG C 144 23.97 16.30 -18.22
C ARG C 144 22.92 16.80 -19.22
N GLU C 145 23.37 17.18 -20.40
CA GLU C 145 22.49 17.74 -21.41
C GLU C 145 21.67 16.66 -22.15
N ALA C 146 21.98 15.39 -21.92
CA ALA C 146 21.27 14.27 -22.57
C ALA C 146 19.90 13.95 -21.94
N VAL C 147 19.02 14.95 -21.89
CA VAL C 147 17.72 14.75 -21.25
C VAL C 147 16.80 14.20 -22.32
N PRO C 148 16.22 13.01 -22.08
CA PRO C 148 15.36 12.44 -23.10
C PRO C 148 14.04 13.17 -23.22
N LYS C 149 13.41 13.02 -24.38
CA LYS C 149 12.02 13.35 -24.58
C LYS C 149 11.19 12.24 -23.94
N LEU C 150 9.91 12.52 -23.70
CA LEU C 150 9.04 11.60 -23.00
C LEU C 150 7.72 11.40 -23.74
N LEU C 151 7.38 10.13 -23.96
CA LEU C 151 6.07 9.73 -24.48
C LEU C 151 5.35 8.90 -23.44
N ILE C 152 4.27 9.45 -22.92
CA ILE C 152 3.41 8.78 -21.95
C ILE C 152 2.35 7.98 -22.73
N VAL C 153 2.24 6.67 -22.45
CA VAL C 153 1.29 5.82 -23.14
C VAL C 153 0.26 5.23 -22.16
N ALA C 154 -1.02 5.49 -22.43
CA ALA C 154 -2.11 4.87 -21.68
C ALA C 154 -2.29 3.46 -22.19
N PRO C 155 -2.26 2.46 -21.28
CA PRO C 155 -2.45 1.09 -21.74
C PRO C 155 -3.89 0.86 -22.21
N PRO C 156 -4.13 -0.17 -23.02
CA PRO C 156 -5.53 -0.44 -23.36
C PRO C 156 -6.34 -0.78 -22.11
N PRO C 157 -7.60 -0.35 -22.07
CA PRO C 157 -8.39 -0.65 -20.87
C PRO C 157 -8.62 -2.16 -20.68
N CYS C 158 -8.91 -2.51 -19.45
CA CYS C 158 -9.34 -3.85 -19.10
C CYS C 158 -10.69 -4.13 -19.71
N VAL C 159 -10.97 -5.40 -19.94
CA VAL C 159 -12.26 -5.79 -20.47
C VAL C 159 -12.85 -6.89 -19.60
N ALA C 160 -14.13 -7.07 -19.78
CA ALA C 160 -14.85 -8.10 -19.09
C ALA C 160 -14.09 -9.38 -19.37
N GLY C 161 -13.52 -9.95 -18.30
CA GLY C 161 -12.85 -11.23 -18.34
C GLY C 161 -13.86 -12.37 -18.41
N PRO C 162 -13.36 -13.62 -18.28
CA PRO C 162 -14.19 -14.82 -18.44
C PRO C 162 -15.19 -15.01 -17.29
N GLY C 163 -14.93 -14.35 -16.15
CA GLY C 163 -15.89 -14.25 -15.06
C GLY C 163 -16.87 -13.09 -15.16
N GLY C 164 -16.75 -12.27 -16.21
CA GLY C 164 -17.47 -11.00 -16.31
C GLY C 164 -16.64 -9.84 -15.80
N GLU C 165 -15.51 -10.14 -15.14
CA GLU C 165 -14.64 -9.12 -14.57
C GLU C 165 -13.19 -9.37 -14.93
N PRO C 166 -12.40 -8.27 -15.03
CA PRO C 166 -10.99 -8.50 -15.35
C PRO C 166 -10.26 -9.27 -14.24
N ALA C 167 -9.22 -10.00 -14.63
CA ALA C 167 -8.32 -10.64 -13.69
C ALA C 167 -7.81 -9.65 -12.62
N GLY C 168 -7.59 -10.18 -11.41
CA GLY C 168 -6.94 -9.43 -10.34
C GLY C 168 -7.83 -8.39 -9.67
N GLY C 169 -9.14 -8.47 -9.88
CA GLY C 169 -10.06 -7.50 -9.28
C GLY C 169 -9.97 -6.08 -9.83
N ARG C 170 -9.31 -5.88 -10.97
CA ARG C 170 -9.22 -4.54 -11.57
C ARG C 170 -10.57 -4.04 -12.07
N ASP C 171 -10.77 -2.72 -12.01
CA ASP C 171 -12.02 -2.10 -12.40
C ASP C 171 -11.90 -1.57 -13.83
N ILE C 172 -12.77 -2.05 -14.70
CA ILE C 172 -12.77 -1.64 -16.10
C ILE C 172 -12.90 -0.10 -16.21
N GLU C 173 -13.88 0.45 -15.52
CA GLU C 173 -14.14 1.89 -15.57
C GLU C 173 -12.91 2.72 -15.22
N GLN C 174 -12.19 2.32 -14.18
CA GLN C 174 -10.99 3.02 -13.77
C GLN C 174 -9.87 2.92 -14.81
N SER C 175 -9.70 1.75 -15.43
CA SER C 175 -8.73 1.59 -16.50
C SER C 175 -9.02 2.54 -17.67
N MSE C 176 -10.30 2.84 -17.92
CA MSE C 176 -10.66 3.73 -19.01
C MSE C 176 -10.40 5.21 -18.72
O MSE C 176 -10.46 6.05 -19.62
CB MSE C 176 -12.14 3.53 -19.33
CG MSE C 176 -12.42 2.16 -19.85
SE MSE C 176 -14.34 1.83 -20.21
CE MSE C 176 -14.00 0.53 -21.62
N ARG C 177 -10.15 5.55 -17.46
CA ARG C 177 -9.82 6.91 -17.10
C ARG C 177 -8.34 7.24 -17.35
N LEU C 178 -7.52 6.23 -17.57
CA LEU C 178 -6.08 6.47 -17.74
C LEU C 178 -5.79 7.35 -18.94
N ALA C 179 -6.47 7.09 -20.06
CA ALA C 179 -6.21 7.85 -21.28
C ALA C 179 -6.46 9.37 -21.09
N PRO C 180 -7.67 9.77 -20.67
CA PRO C 180 -7.90 11.20 -20.50
C PRO C 180 -7.01 11.86 -19.43
N LEU C 181 -6.74 11.16 -18.32
CA LEU C 181 -5.92 11.75 -17.26
C LEU C 181 -4.45 11.88 -17.70
N TYR C 182 -3.93 10.87 -18.36
CA TYR C 182 -2.58 10.91 -18.92
C TYR C 182 -2.45 11.98 -20.03
N ARG C 183 -3.47 12.14 -20.84
CA ARG C 183 -3.47 13.14 -21.90
C ARG C 183 -3.32 14.53 -21.32
N LYS C 184 -4.14 14.87 -20.31
CA LYS C 184 -4.02 16.14 -19.58
C LYS C 184 -2.65 16.29 -18.91
N LEU C 185 -2.18 15.23 -18.26
CA LEU C 185 -0.89 15.26 -17.60
C LEU C 185 0.20 15.59 -18.60
N ALA C 186 0.25 14.86 -19.71
CA ALA C 186 1.26 15.09 -20.72
C ALA C 186 1.22 16.53 -21.23
N ALA C 187 0.02 17.05 -21.48
CA ALA C 187 -0.14 18.44 -21.94
C ALA C 187 0.36 19.44 -20.90
N GLU C 188 0.06 19.20 -19.63
CA GLU C 188 0.51 20.09 -18.55
C GLU C 188 2.04 20.13 -18.43
N LEU C 189 2.69 18.99 -18.58
CA LEU C 189 4.13 18.89 -18.41
C LEU C 189 4.89 19.14 -19.71
N GLY C 190 4.19 19.31 -20.81
CA GLY C 190 4.85 19.55 -22.10
C GLY C 190 5.54 18.32 -22.67
N HIS C 191 4.97 17.15 -22.41
CA HIS C 191 5.45 15.90 -23.03
C HIS C 191 4.43 15.34 -24.00
N HIS C 192 4.72 14.18 -24.57
CA HIS C 192 3.85 13.58 -25.56
C HIS C 192 3.00 12.48 -24.96
N PHE C 193 1.88 12.23 -25.62
CA PHE C 193 0.90 11.24 -25.20
C PHE C 193 0.43 10.38 -26.36
N PHE C 194 0.26 9.08 -26.12
CA PHE C 194 -0.45 8.23 -27.05
C PHE C 194 -1.36 7.29 -26.26
N ASP C 195 -2.58 7.07 -26.75
CA ASP C 195 -3.51 6.13 -26.16
C ASP C 195 -3.46 4.78 -26.86
N ALA C 196 -2.87 3.77 -26.22
CA ALA C 196 -2.76 2.44 -26.84
C ALA C 196 -4.13 1.77 -27.03
N GLY C 197 -5.09 2.16 -26.21
CA GLY C 197 -6.47 1.74 -26.38
C GLY C 197 -7.11 2.16 -27.69
N SER C 198 -6.50 3.09 -28.42
CA SER C 198 -7.07 3.53 -29.67
C SER C 198 -6.79 2.51 -30.79
N VAL C 199 -5.84 1.61 -30.55
CA VAL C 199 -5.45 0.63 -31.57
C VAL C 199 -5.51 -0.83 -31.10
N ALA C 200 -5.78 -1.07 -29.82
CA ALA C 200 -5.69 -2.40 -29.22
C ALA C 200 -6.69 -2.51 -28.06
N SER C 201 -7.18 -3.71 -27.83
CA SER C 201 -8.00 -4.00 -26.65
C SER C 201 -7.41 -5.16 -25.87
N ALA C 202 -7.67 -5.20 -24.57
CA ALA C 202 -7.25 -6.33 -23.74
C ALA C 202 -7.95 -7.59 -24.21
N SER C 203 -7.36 -8.75 -23.92
CA SER C 203 -7.96 -10.03 -24.28
C SER C 203 -9.09 -10.46 -23.32
N PRO C 204 -10.22 -10.98 -23.86
CA PRO C 204 -11.26 -11.53 -22.99
C PRO C 204 -10.84 -12.79 -22.23
N VAL C 205 -9.70 -13.37 -22.60
CA VAL C 205 -9.17 -14.54 -21.93
C VAL C 205 -8.94 -14.28 -20.43
N ASP C 206 -8.36 -13.12 -20.08
CA ASP C 206 -8.24 -12.73 -18.65
C ASP C 206 -8.67 -11.29 -18.34
N GLY C 207 -9.02 -10.53 -19.38
CA GLY C 207 -9.54 -9.19 -19.22
C GLY C 207 -8.48 -8.13 -19.14
N VAL C 208 -7.21 -8.54 -19.16
CA VAL C 208 -6.14 -7.66 -18.79
C VAL C 208 -4.99 -7.61 -19.78
N HIS C 209 -4.49 -8.78 -20.15
CA HIS C 209 -3.35 -8.87 -21.04
C HIS C 209 -3.73 -8.80 -22.50
N LEU C 210 -2.71 -8.69 -23.35
CA LEU C 210 -2.90 -8.45 -24.77
C LEU C 210 -2.46 -9.70 -25.54
N ASP C 211 -3.25 -10.08 -26.53
CA ASP C 211 -2.83 -11.15 -27.45
C ASP C 211 -1.76 -10.58 -28.38
N ALA C 212 -1.19 -11.47 -29.20
CA ALA C 212 -0.02 -11.14 -30.00
C ALA C 212 -0.30 -10.08 -31.06
N SER C 213 -1.43 -10.15 -31.77
CA SER C 213 -1.78 -9.09 -32.74
C SER C 213 -2.13 -7.75 -32.08
N ALA C 214 -2.74 -7.76 -30.90
CA ALA C 214 -2.98 -6.48 -30.18
C ALA C 214 -1.66 -5.85 -29.74
N THR C 215 -0.72 -6.68 -29.27
CA THR C 215 0.60 -6.19 -28.87
C THR C 215 1.36 -5.60 -30.07
N ALA C 216 1.36 -6.29 -31.19
CA ALA C 216 2.03 -5.81 -32.41
C ALA C 216 1.38 -4.51 -32.90
N ALA C 217 0.05 -4.45 -32.80
CA ALA C 217 -0.69 -3.26 -33.18
C ALA C 217 -0.18 -2.00 -32.45
N ILE C 218 0.16 -2.11 -31.18
CA ILE C 218 0.70 -0.98 -30.44
C ILE C 218 2.11 -0.57 -30.94
N GLY C 219 2.96 -1.55 -31.18
CA GLY C 219 4.30 -1.28 -31.72
C GLY C 219 4.25 -0.50 -33.02
N ARG C 220 3.34 -0.89 -33.90
CA ARG C 220 3.20 -0.26 -35.21
C ARG C 220 2.65 1.14 -35.13
N ALA C 221 1.59 1.29 -34.34
CA ALA C 221 0.97 2.60 -34.14
C ALA C 221 1.89 3.61 -33.43
N LEU C 222 2.79 3.14 -32.56
CA LEU C 222 3.74 4.04 -31.89
C LEU C 222 4.83 4.60 -32.84
N ALA C 223 5.02 3.97 -34.01
CA ALA C 223 6.09 4.33 -34.94
C ALA C 223 5.92 5.76 -35.45
N ALA C 224 4.69 6.14 -35.80
CA ALA C 224 4.39 7.49 -36.31
C ALA C 224 4.74 8.59 -35.31
N PRO C 225 4.14 8.56 -34.12
CA PRO C 225 4.54 9.58 -33.18
C PRO C 225 6.02 9.54 -32.76
N VAL C 226 6.61 8.34 -32.62
CA VAL C 226 8.03 8.25 -32.25
C VAL C 226 8.92 8.90 -33.32
N ARG C 227 8.65 8.61 -34.58
CA ARG C 227 9.33 9.30 -35.68
C ARG C 227 9.20 10.83 -35.65
N ASP C 228 7.98 11.33 -35.40
CA ASP C 228 7.74 12.77 -35.26
C ASP C 228 8.51 13.35 -34.07
N ILE C 229 8.52 12.63 -32.95
CA ILE C 229 9.21 13.11 -31.75
C ILE C 229 10.72 13.17 -31.94
N LEU C 230 11.31 12.14 -32.55
CA LEU C 230 12.76 12.05 -32.71
C LEU C 230 13.26 13.01 -33.80
ZN ZN D . -6.75 19.92 28.78
CL CL E . 15.14 22.57 17.44
CL CL F . 7.34 6.97 1.64
CL CL G . -4.70 7.38 -4.54
CL CL H . -17.05 11.72 19.54
CL CL I . -8.87 20.08 28.12
CL CL J . -0.81 14.78 26.34
CL CL K . 3.18 1.13 3.79
CL CL L . 4.50 2.40 -1.94
C ACY M . -1.86 17.08 1.36
O ACY M . -0.77 16.82 1.90
OXT ACY M . -1.94 17.31 0.14
CH3 ACY M . -3.13 17.09 2.18
CL CL N . -7.27 -0.46 6.96
CL CL O . 8.40 -35.41 6.21
CL CL P . 1.90 -21.71 20.46
CL CL Q . 3.95 -3.38 0.20
CL CL R . 3.86 -29.95 -0.26
CL CL S . 14.55 -24.32 15.64
CL CL T . 5.97 -3.85 7.33
CL CL U . -2.66 -15.77 -7.68
C ACY V . -4.72 -10.19 13.26
O ACY V . -5.15 -9.26 14.02
OXT ACY V . -3.52 -10.40 13.07
CH3 ACY V . -5.74 -11.10 12.61
CL CL W . 22.06 0.49 -23.60
CL CL X . 9.09 15.55 -24.37
CL CL Y . 8.39 -3.46 -4.89
CL CL Z . -15.62 -4.62 -21.33
CL CL AA . 10.79 -6.55 -26.96
CL CL BA . -4.84 -6.80 -5.23
C ACY CA . 0.89 -6.91 -15.67
O ACY CA . 0.54 -8.06 -15.31
OXT ACY CA . 2.00 -6.45 -15.42
CH3 ACY CA . -0.07 -6.05 -16.47
#